data_7WVS
#
_entry.id   7WVS
#
_cell.length_a   73.555
_cell.length_b   108.760
_cell.length_c   124.176
_cell.angle_alpha   90.000
_cell.angle_beta   90.000
_cell.angle_gamma   90.000
#
_symmetry.space_group_name_H-M   'P 21 2 21'
#
loop_
_entity.id
_entity.type
_entity.pdbx_description
1 polymer 'Methyltransf_2 domain-containing protein'
2 non-polymer S-ADENOSYLMETHIONINE
3 non-polymer 1,2-ETHANEDIOL
4 non-polymer GLYCEROL
5 non-polymer 'SULFATE ION'
6 water water
#
_entity_poly.entity_id   1
_entity_poly.type   'polypeptide(L)'
_entity_poly.pdbx_seq_one_letter_code
;MASDASVADSLDTLAAKLIEKAKDLRAGNSTTPQQHEALVGTLKQVQDAVYLPRDDLAAMQMGFVTAAAIRLLLHWKVFE
KIPDTGSIRYEELATQVGGDVVIITRICWLLVATGFLVQEGSDRVAHTARTRPFAGVNPLRAWWLMGYDEYVPVLLAMPR
YYDTYGIKEPTGRLHTIKAFTEGSPELTVGEIMSRHPERTANMLISMSAMASQYPHTGFYDFSWVAPKAAESATRPLIVD
IGGAKGWTLQAICKETPEIPISRCVLQDLSGVIQMVQTVGDEDIRSAQLMAIDFHKEQPVQGALVYMIRRILRDFGDDEC
VSILQHVVAAMAPDSKLLIADTVTGNPPSWFPAMLDFFLSTIGGKERTEEEFRKITARAGLRITGIHYSDKAEFAMIVCE
KAEHHHHHH
;
_entity_poly.pdbx_strand_id   A,B
#
loop_
_chem_comp.id
_chem_comp.type
_chem_comp.name
_chem_comp.formula
EDO non-polymer 1,2-ETHANEDIOL 'C2 H6 O2'
GOL non-polymer GLYCEROL 'C3 H8 O3'
SAM non-polymer S-ADENOSYLMETHIONINE 'C15 H22 N6 O5 S'
SO4 non-polymer 'SULFATE ION' 'O4 S -2'
#
# COMPACT_ATOMS: atom_id res chain seq x y z
N SER A 10 -7.12 13.32 -23.28
CA SER A 10 -8.56 13.51 -23.24
C SER A 10 -9.26 12.18 -23.02
N LEU A 11 -10.48 12.20 -22.47
CA LEU A 11 -11.25 10.96 -22.38
C LEU A 11 -11.45 10.36 -23.78
N ASP A 12 -11.78 11.21 -24.76
CA ASP A 12 -12.04 10.72 -26.11
C ASP A 12 -10.79 10.19 -26.78
N THR A 13 -9.62 10.80 -26.54
CA THR A 13 -8.41 10.25 -27.14
C THR A 13 -7.99 8.96 -26.44
N LEU A 14 -8.27 8.82 -25.14
CA LEU A 14 -7.95 7.58 -24.46
C LEU A 14 -8.85 6.46 -24.93
N ALA A 15 -10.15 6.73 -25.03
CA ALA A 15 -11.08 5.75 -25.60
C ALA A 15 -10.59 5.26 -26.94
N ALA A 16 -10.12 6.17 -27.80
CA ALA A 16 -9.61 5.79 -29.10
C ALA A 16 -8.39 4.88 -28.98
N LYS A 17 -7.52 5.15 -28.00
CA LYS A 17 -6.38 4.26 -27.75
C LYS A 17 -6.84 2.86 -27.37
N LEU A 18 -7.81 2.75 -26.46
CA LEU A 18 -8.26 1.43 -26.02
C LEU A 18 -8.87 0.68 -27.18
N ILE A 19 -9.65 1.38 -28.01
CA ILE A 19 -10.34 0.73 -29.12
C ILE A 19 -9.35 0.18 -30.12
N GLU A 20 -8.26 0.91 -30.36
CA GLU A 20 -7.29 0.42 -31.33
C GLU A 20 -6.42 -0.68 -30.74
N LYS A 21 -6.14 -0.63 -29.43
CA LYS A 21 -5.41 -1.73 -28.83
C LYS A 21 -6.27 -2.99 -28.77
N ALA A 22 -7.58 -2.83 -28.60
CA ALA A 22 -8.49 -3.96 -28.65
C ALA A 22 -8.52 -4.58 -30.04
N LYS A 23 -8.57 -3.74 -31.08
CA LYS A 23 -8.45 -4.25 -32.45
C LYS A 23 -7.16 -5.06 -32.61
N ASP A 24 -6.03 -4.51 -32.17
CA ASP A 24 -4.75 -5.20 -32.29
C ASP A 24 -4.82 -6.59 -31.66
N LEU A 25 -5.24 -6.66 -30.40
CA LEU A 25 -5.35 -7.95 -29.74
C LEU A 25 -6.22 -8.92 -30.53
N ARG A 26 -7.35 -8.43 -31.05
CA ARG A 26 -8.26 -9.31 -31.79
C ARG A 26 -7.61 -9.87 -33.05
N ALA A 27 -6.66 -9.16 -33.64
CA ALA A 27 -5.98 -9.58 -34.86
C ALA A 27 -4.69 -10.34 -34.60
N GLY A 28 -4.27 -10.49 -33.34
CA GLY A 28 -3.03 -11.20 -33.02
C GLY A 28 -1.80 -10.63 -33.71
N SER A 30 3.09 -12.34 -31.85
CA SER A 30 2.07 -11.79 -30.98
C SER A 30 2.33 -10.32 -30.67
N THR A 31 1.62 -9.81 -29.66
CA THR A 31 1.88 -8.46 -29.19
C THR A 31 3.20 -8.41 -28.43
N THR A 32 3.94 -7.33 -28.63
CA THR A 32 5.30 -7.19 -28.16
C THR A 32 5.33 -6.64 -26.74
N PRO A 33 6.48 -6.71 -26.06
CA PRO A 33 6.59 -6.06 -24.74
C PRO A 33 6.25 -4.59 -24.77
N GLN A 34 6.71 -3.87 -25.82
CA GLN A 34 6.35 -2.46 -25.95
C GLN A 34 4.85 -2.28 -25.96
N GLN A 35 4.13 -3.19 -26.64
CA GLN A 35 2.68 -3.04 -26.74
C GLN A 35 2.01 -3.31 -25.41
N HIS A 36 2.48 -4.30 -24.67
CA HIS A 36 2.00 -4.47 -23.30
C HIS A 36 2.23 -3.21 -22.47
N GLU A 37 3.48 -2.77 -22.39
CA GLU A 37 3.78 -1.57 -21.61
C GLU A 37 2.87 -0.41 -22.00
N ALA A 38 2.66 -0.22 -23.30
CA ALA A 38 1.84 0.90 -23.74
C ALA A 38 0.39 0.72 -23.31
N LEU A 39 -0.11 -0.51 -23.27
CA LEU A 39 -1.49 -0.72 -22.84
C LEU A 39 -1.64 -0.45 -21.35
N VAL A 40 -0.72 -1.01 -20.53
CA VAL A 40 -0.71 -0.68 -19.10
C VAL A 40 -0.63 0.82 -18.91
N GLY A 41 0.24 1.49 -19.67
CA GLY A 41 0.37 2.92 -19.53
C GLY A 41 -0.92 3.65 -19.81
N THR A 42 -1.64 3.24 -20.86
CA THR A 42 -2.91 3.87 -21.16
C THR A 42 -3.90 3.65 -20.04
N LEU A 43 -3.99 2.41 -19.51
CA LEU A 43 -4.95 2.15 -18.44
C LEU A 43 -4.64 3.02 -17.21
N LYS A 44 -3.36 3.28 -16.94
CA LYS A 44 -3.02 4.18 -15.83
C LYS A 44 -3.47 5.60 -16.13
N GLN A 45 -3.31 6.05 -17.38
CA GLN A 45 -3.89 7.33 -17.78
C GLN A 45 -5.40 7.34 -17.54
N VAL A 46 -6.09 6.25 -17.87
CA VAL A 46 -7.52 6.19 -17.60
C VAL A 46 -7.78 6.35 -16.11
N GLN A 47 -7.04 5.59 -15.29
CA GLN A 47 -7.20 5.68 -13.84
C GLN A 47 -7.06 7.12 -13.36
N ASP A 48 -5.99 7.79 -13.79
CA ASP A 48 -5.76 9.17 -13.39
C ASP A 48 -6.93 10.06 -13.79
N ALA A 49 -7.41 9.90 -15.01
CA ALA A 49 -8.48 10.73 -15.55
C ALA A 49 -9.82 10.46 -14.90
N VAL A 50 -9.96 9.37 -14.15
CA VAL A 50 -11.28 8.90 -13.77
C VAL A 50 -11.42 8.80 -12.25
N TYR A 51 -10.31 8.64 -11.54
CA TYR A 51 -10.38 8.38 -10.12
C TYR A 51 -10.71 9.67 -9.38
N LEU A 52 -11.56 9.55 -8.36
CA LEU A 52 -11.87 10.63 -7.44
C LEU A 52 -11.27 10.32 -6.07
N PRO A 53 -11.26 11.31 -5.16
CA PRO A 53 -10.64 11.09 -3.85
C PRO A 53 -11.04 9.77 -3.18
N ARG A 54 -12.33 9.43 -3.18
CA ARG A 54 -12.73 8.21 -2.50
C ARG A 54 -12.24 6.96 -3.22
N ASP A 55 -11.98 7.04 -4.54
CA ASP A 55 -11.33 5.92 -5.21
C ASP A 55 -9.86 5.85 -4.83
N ASP A 56 -9.19 7.00 -4.77
CA ASP A 56 -7.80 7.04 -4.31
C ASP A 56 -7.66 6.53 -2.88
N LEU A 57 -8.57 6.92 -1.99
CA LEU A 57 -8.52 6.44 -0.62
C LEU A 57 -8.69 4.94 -0.56
N ALA A 58 -9.74 4.43 -1.20
CA ALA A 58 -9.98 2.99 -1.21
C ALA A 58 -8.76 2.23 -1.73
N ALA A 59 -8.20 2.68 -2.87
CA ALA A 59 -7.05 2.00 -3.45
C ALA A 59 -5.83 2.06 -2.53
N MET A 60 -5.64 3.19 -1.85
CA MET A 60 -4.56 3.33 -0.87
C MET A 60 -4.69 2.30 0.26
N GLN A 61 -5.86 2.24 0.89
CA GLN A 61 -6.08 1.28 1.97
C GLN A 61 -5.94 -0.15 1.48
N MET A 62 -6.55 -0.47 0.35
CA MET A 62 -6.44 -1.82 -0.21
C MET A 62 -4.98 -2.19 -0.46
N GLY A 63 -4.19 -1.25 -0.96
CA GLY A 63 -2.80 -1.54 -1.24
C GLY A 63 -2.02 -1.89 0.02
N PHE A 64 -2.21 -1.12 1.09
CA PHE A 64 -1.48 -1.37 2.31
C PHE A 64 -1.94 -2.67 2.97
N VAL A 65 -3.24 -2.92 2.96
CA VAL A 65 -3.78 -4.12 3.59
C VAL A 65 -3.36 -5.37 2.83
N THR A 66 -3.46 -5.33 1.50
CA THR A 66 -3.00 -6.46 0.70
C THR A 66 -1.52 -6.71 0.92
N ALA A 67 -0.72 -5.65 0.91
CA ALA A 67 0.72 -5.77 1.14
C ALA A 67 0.98 -6.47 2.48
N ALA A 68 0.28 -6.03 3.53
CA ALA A 68 0.48 -6.57 4.86
C ALA A 68 0.06 -8.03 4.95
N ALA A 69 -1.06 -8.39 4.29
CA ALA A 69 -1.50 -9.79 4.25
C ALA A 69 -0.52 -10.66 3.50
N ILE A 70 0.02 -10.16 2.39
CA ILE A 70 1.06 -10.89 1.68
C ILE A 70 2.29 -11.08 2.56
N ARG A 71 2.70 -10.04 3.29
CA ARG A 71 3.91 -10.14 4.08
C ARG A 71 3.77 -11.18 5.19
N LEU A 72 2.61 -11.20 5.86
CA LEU A 72 2.38 -12.19 6.90
C LEU A 72 2.41 -13.61 6.34
N LEU A 73 1.60 -13.87 5.31
CA LEU A 73 1.55 -15.20 4.70
C LEU A 73 2.92 -15.63 4.21
N LEU A 74 3.74 -14.70 3.72
CA LEU A 74 5.12 -15.03 3.38
C LEU A 74 5.89 -15.42 4.62
N HIS A 75 5.82 -14.58 5.64
CA HIS A 75 6.54 -14.82 6.89
C HIS A 75 6.15 -16.15 7.51
N TRP A 76 4.86 -16.51 7.44
CA TRP A 76 4.38 -17.77 7.97
C TRP A 76 4.64 -18.96 7.04
N LYS A 77 5.16 -18.75 5.83
CA LYS A 77 5.43 -19.85 4.90
C LYS A 77 4.16 -20.51 4.38
N VAL A 78 3.12 -19.71 4.23
CA VAL A 78 1.83 -20.20 3.74
C VAL A 78 1.87 -20.39 2.22
N PHE A 79 2.38 -19.39 1.49
CA PHE A 79 2.38 -19.48 0.04
C PHE A 79 3.13 -20.72 -0.42
N GLU A 80 4.21 -21.05 0.27
CA GLU A 80 5.01 -22.22 -0.07
C GLU A 80 4.20 -23.51 0.07
N LYS A 81 3.23 -23.54 0.98
CA LYS A 81 2.45 -24.74 1.22
C LYS A 81 1.17 -24.81 0.40
N ILE A 82 0.76 -23.71 -0.21
CA ILE A 82 -0.35 -23.76 -1.16
C ILE A 82 0.17 -24.34 -2.49
N PRO A 83 -0.45 -25.39 -3.01
CA PRO A 83 0.11 -26.07 -4.19
C PRO A 83 0.05 -25.18 -5.43
N ASP A 84 0.97 -25.44 -6.36
CA ASP A 84 1.06 -24.64 -7.59
C ASP A 84 -0.25 -24.63 -8.34
N THR A 85 -0.89 -25.80 -8.45
CA THR A 85 -2.25 -25.94 -8.94
C THR A 85 -3.05 -26.76 -7.92
N GLY A 86 -4.36 -26.70 -8.03
CA GLY A 86 -5.21 -27.34 -7.06
C GLY A 86 -5.44 -26.44 -5.87
N SER A 87 -5.83 -27.05 -4.76
CA SER A 87 -6.15 -26.27 -3.58
C SER A 87 -5.81 -27.11 -2.35
N ILE A 88 -5.81 -26.43 -1.21
CA ILE A 88 -5.48 -27.01 0.08
C ILE A 88 -6.46 -26.46 1.09
N ARG A 89 -6.85 -27.29 2.06
CA ARG A 89 -7.78 -26.87 3.09
C ARG A 89 -7.10 -25.90 4.05
N TYR A 90 -7.83 -24.86 4.45
CA TYR A 90 -7.33 -23.97 5.50
C TYR A 90 -6.78 -24.75 6.68
N GLU A 91 -7.48 -25.82 7.08
CA GLU A 91 -7.07 -26.59 8.25
C GLU A 91 -5.75 -27.28 8.04
N GLU A 92 -5.46 -27.71 6.81
CA GLU A 92 -4.15 -28.25 6.50
C GLU A 92 -3.08 -27.18 6.56
N LEU A 93 -3.32 -26.05 5.88
CA LEU A 93 -2.43 -24.90 6.01
C LEU A 93 -2.11 -24.61 7.46
N ALA A 94 -3.15 -24.47 8.29
CA ALA A 94 -2.93 -24.04 9.66
C ALA A 94 -2.08 -25.05 10.42
N THR A 95 -2.39 -26.32 10.27
CA THR A 95 -1.64 -27.35 10.95
C THR A 95 -0.19 -27.35 10.50
N GLN A 96 0.05 -27.11 9.20
CA GLN A 96 1.40 -27.18 8.68
C GLN A 96 2.25 -25.98 9.12
N VAL A 97 1.65 -24.81 9.32
CA VAL A 97 2.42 -23.67 9.81
C VAL A 97 2.37 -23.57 11.32
N GLY A 98 1.59 -24.41 11.99
CA GLY A 98 1.50 -24.33 13.43
C GLY A 98 0.78 -23.07 13.90
N GLY A 99 -0.26 -22.66 13.20
CA GLY A 99 -0.98 -21.46 13.56
C GLY A 99 -2.46 -21.72 13.66
N ASP A 100 -3.16 -20.73 14.20
CA ASP A 100 -4.59 -20.79 14.41
C ASP A 100 -5.33 -20.69 13.08
N VAL A 101 -6.17 -21.69 12.79
CA VAL A 101 -6.87 -21.74 11.51
C VAL A 101 -7.69 -20.48 11.27
N VAL A 102 -8.21 -19.86 12.34
CA VAL A 102 -9.13 -18.74 12.16
C VAL A 102 -8.38 -17.50 11.65
N ILE A 103 -7.24 -17.16 12.25
CA ILE A 103 -6.53 -15.97 11.77
C ILE A 103 -5.95 -16.22 10.39
N ILE A 104 -5.51 -17.45 10.11
CA ILE A 104 -4.97 -17.74 8.79
C ILE A 104 -6.07 -17.65 7.74
N THR A 105 -7.24 -18.19 8.03
CA THR A 105 -8.38 -18.03 7.13
C THR A 105 -8.69 -16.55 6.91
N ARG A 106 -8.74 -15.76 7.99
CA ARG A 106 -9.06 -14.34 7.86
C ARG A 106 -8.06 -13.62 6.95
N ILE A 107 -6.75 -13.91 7.11
CA ILE A 107 -5.74 -13.26 6.27
C ILE A 107 -5.86 -13.70 4.81
N CYS A 108 -6.02 -15.02 4.56
CA CYS A 108 -6.26 -15.49 3.19
C CYS A 108 -7.52 -14.89 2.59
N TRP A 109 -8.58 -14.75 3.41
CA TRP A 109 -9.84 -14.23 2.88
C TRP A 109 -9.67 -12.84 2.30
N LEU A 110 -8.82 -12.03 2.92
CA LEU A 110 -8.52 -10.71 2.37
C LEU A 110 -7.94 -10.83 0.96
N LEU A 111 -7.01 -11.76 0.75
CA LEU A 111 -6.44 -11.93 -0.58
C LEU A 111 -7.43 -12.59 -1.53
N VAL A 112 -8.33 -13.43 -1.01
CA VAL A 112 -9.39 -13.97 -1.84
C VAL A 112 -10.30 -12.84 -2.31
N ALA A 113 -10.62 -11.89 -1.42
CA ALA A 113 -11.53 -10.82 -1.78
C ALA A 113 -10.92 -9.82 -2.75
N THR A 114 -9.59 -9.70 -2.78
CA THR A 114 -8.93 -8.76 -3.67
C THR A 114 -8.34 -9.43 -4.89
N GLY A 115 -8.72 -10.68 -5.16
CA GLY A 115 -8.27 -11.37 -6.36
C GLY A 115 -6.86 -11.92 -6.33
N PHE A 116 -6.19 -11.96 -5.19
CA PHE A 116 -4.86 -12.55 -5.15
C PHE A 116 -4.90 -14.06 -4.95
N LEU A 117 -5.76 -14.54 -4.05
CA LEU A 117 -5.98 -15.97 -3.90
C LEU A 117 -7.39 -16.31 -4.37
N VAL A 118 -7.64 -17.61 -4.55
CA VAL A 118 -8.95 -18.12 -4.93
C VAL A 118 -9.39 -19.12 -3.86
N GLN A 119 -10.66 -19.06 -3.48
CA GLN A 119 -11.21 -20.04 -2.56
C GLN A 119 -12.07 -21.04 -3.32
N GLU A 120 -11.90 -22.32 -3.00
CA GLU A 120 -12.69 -23.39 -3.62
C GLU A 120 -13.61 -23.98 -2.58
N GLY A 121 -14.90 -24.02 -2.90
CA GLY A 121 -15.83 -24.53 -1.92
C GLY A 121 -15.86 -23.62 -0.71
N SER A 122 -16.08 -24.24 0.45
CA SER A 122 -16.21 -23.49 1.68
C SER A 122 -14.93 -23.44 2.49
N ASP A 123 -13.92 -24.24 2.14
CA ASP A 123 -12.82 -24.38 3.07
C ASP A 123 -11.47 -24.65 2.41
N ARG A 124 -11.30 -24.30 1.13
CA ARG A 124 -10.06 -24.58 0.41
C ARG A 124 -9.55 -23.31 -0.28
N VAL A 125 -8.23 -23.17 -0.35
CA VAL A 125 -7.60 -21.99 -0.93
C VAL A 125 -6.59 -22.41 -1.99
N ALA A 126 -6.42 -21.57 -3.01
CA ALA A 126 -5.58 -21.86 -4.16
C ALA A 126 -4.88 -20.59 -4.65
N HIS A 127 -3.74 -20.78 -5.32
CA HIS A 127 -3.00 -19.68 -5.91
C HIS A 127 -3.73 -19.07 -7.10
N THR A 128 -3.38 -17.83 -7.41
CA THR A 128 -3.51 -17.27 -8.74
C THR A 128 -2.12 -16.91 -9.22
N ALA A 129 -2.03 -16.48 -10.49
CA ALA A 129 -0.75 -16.03 -11.00
C ALA A 129 -0.22 -14.84 -10.21
N ARG A 130 -1.07 -14.17 -9.45
CA ARG A 130 -0.61 -13.06 -8.63
C ARG A 130 0.18 -13.52 -7.41
N THR A 131 -0.06 -14.74 -6.91
CA THR A 131 0.60 -15.17 -5.69
C THR A 131 1.66 -16.25 -5.90
N ARG A 132 1.67 -16.92 -7.05
CA ARG A 132 2.77 -17.85 -7.34
C ARG A 132 4.14 -17.20 -7.19
N PRO A 133 4.35 -15.95 -7.57
CA PRO A 133 5.67 -15.33 -7.30
C PRO A 133 6.07 -15.41 -5.85
N PHE A 134 5.12 -15.41 -4.92
CA PHE A 134 5.49 -15.45 -3.51
C PHE A 134 5.67 -16.85 -2.98
N ALA A 135 5.44 -17.87 -3.80
CA ALA A 135 5.53 -19.24 -3.32
C ALA A 135 6.97 -19.76 -3.28
N GLY A 136 7.92 -19.04 -3.86
CA GLY A 136 9.31 -19.47 -3.83
C GLY A 136 10.25 -18.30 -4.05
N VAL A 137 11.52 -18.62 -4.23
CA VAL A 137 12.57 -17.62 -4.39
C VAL A 137 12.69 -17.25 -5.86
N ASN A 138 12.56 -15.98 -6.18
CA ASN A 138 12.72 -15.52 -7.55
C ASN A 138 12.98 -14.02 -7.54
N PRO A 139 13.38 -13.45 -8.68
CA PRO A 139 13.71 -12.02 -8.70
C PRO A 139 12.54 -11.11 -8.40
N LEU A 140 11.38 -11.34 -9.02
CA LEU A 140 10.24 -10.45 -8.81
C LEU A 140 9.90 -10.36 -7.32
N ARG A 141 9.75 -11.52 -6.68
CA ARG A 141 9.49 -11.54 -5.24
C ARG A 141 10.57 -10.79 -4.47
N ALA A 142 11.85 -11.01 -4.80
CA ALA A 142 12.93 -10.28 -4.13
C ALA A 142 12.79 -8.77 -4.35
N TRP A 143 12.42 -8.37 -5.56
CA TRP A 143 12.21 -6.96 -5.82
C TRP A 143 11.10 -6.40 -4.92
N TRP A 144 9.99 -7.12 -4.80
CA TRP A 144 8.91 -6.66 -3.94
C TRP A 144 9.35 -6.60 -2.48
N LEU A 145 10.06 -7.62 -2.01
CA LEU A 145 10.49 -7.64 -0.62
C LEU A 145 11.47 -6.51 -0.33
N MET A 146 12.26 -6.12 -1.32
CA MET A 146 13.17 -4.99 -1.14
C MET A 146 12.39 -3.71 -0.88
N GLY A 147 11.37 -3.45 -1.68
CA GLY A 147 10.55 -2.28 -1.45
C GLY A 147 9.88 -2.33 -0.10
N TYR A 148 9.31 -3.48 0.26
CA TYR A 148 8.46 -3.54 1.44
C TYR A 148 9.27 -3.58 2.73
N ASP A 149 10.33 -4.37 2.78
CA ASP A 149 11.09 -4.50 4.00
C ASP A 149 12.12 -3.39 4.18
N GLU A 150 12.70 -2.90 3.07
CA GLU A 150 13.85 -2.02 3.13
C GLU A 150 13.53 -0.57 2.85
N TYR A 151 12.34 -0.28 2.32
CA TYR A 151 11.97 1.08 1.95
C TYR A 151 10.69 1.58 2.61
N VAL A 152 9.64 0.77 2.71
CA VAL A 152 8.37 1.27 3.23
C VAL A 152 8.54 1.82 4.65
N PRO A 153 9.19 1.10 5.57
CA PRO A 153 9.39 1.68 6.92
C PRO A 153 10.18 2.97 6.88
N VAL A 154 11.09 3.10 5.91
CA VAL A 154 11.85 4.33 5.73
C VAL A 154 10.94 5.45 5.22
N LEU A 155 10.03 5.15 4.29
CA LEU A 155 9.08 6.17 3.83
C LEU A 155 8.35 6.81 5.00
N LEU A 156 7.99 6.01 6.01
CA LEU A 156 7.29 6.51 7.18
C LEU A 156 8.17 7.42 8.03
N ALA A 157 9.49 7.37 7.85
CA ALA A 157 10.42 8.21 8.58
C ALA A 157 10.71 9.54 7.89
N MET A 158 10.28 9.73 6.64
CA MET A 158 10.61 10.96 5.93
C MET A 158 10.20 12.23 6.68
N PRO A 159 8.96 12.36 7.17
CA PRO A 159 8.62 13.60 7.89
C PRO A 159 9.56 13.90 9.03
N ARG A 160 9.82 12.93 9.92
CA ARG A 160 10.73 13.21 11.03
C ARG A 160 12.14 13.51 10.52
N TYR A 161 12.54 12.83 9.44
CA TYR A 161 13.88 13.04 8.91
C TYR A 161 14.06 14.49 8.43
N TYR A 162 13.09 15.02 7.69
CA TYR A 162 13.21 16.38 7.20
C TYR A 162 13.03 17.41 8.31
N ASP A 163 12.31 17.07 9.37
CA ASP A 163 12.30 17.91 10.56
C ASP A 163 13.63 17.84 11.32
N THR A 164 14.42 16.79 11.13
CA THR A 164 15.72 16.68 11.79
C THR A 164 16.80 17.44 11.03
N TYR A 165 16.82 17.33 9.71
CA TYR A 165 17.89 17.88 8.91
C TYR A 165 17.46 19.06 8.04
N GLY A 166 16.18 19.37 7.99
CA GLY A 166 15.78 20.46 7.12
C GLY A 166 15.20 19.96 5.82
N ILE A 167 14.31 20.76 5.24
CA ILE A 167 13.73 20.42 3.96
C ILE A 167 14.76 20.71 2.88
N LYS A 168 15.70 19.78 2.70
CA LYS A 168 16.75 19.89 1.70
C LYS A 168 16.85 18.56 0.96
N GLU A 169 17.18 18.62 -0.31
CA GLU A 169 17.43 17.39 -1.04
C GLU A 169 18.49 16.59 -0.31
N PRO A 170 18.24 15.31 0.01
CA PRO A 170 19.28 14.46 0.60
C PRO A 170 20.26 14.01 -0.47
N THR A 171 21.50 14.47 -0.36
CA THR A 171 22.53 14.19 -1.35
C THR A 171 23.75 13.45 -0.78
N GLY A 172 23.86 13.33 0.53
CA GLY A 172 25.01 12.67 1.10
C GLY A 172 24.89 11.18 1.07
N ARG A 173 26.03 10.51 1.14
CA ARG A 173 25.99 9.06 1.22
C ARG A 173 25.86 8.57 2.66
N LEU A 174 26.11 9.44 3.64
CA LEU A 174 25.87 9.13 5.04
C LEU A 174 24.68 9.93 5.55
N HIS A 175 24.14 9.50 6.69
CA HIS A 175 22.96 10.13 7.27
C HIS A 175 21.79 10.19 6.27
N THR A 176 21.69 9.16 5.45
CA THR A 176 20.52 8.98 4.61
C THR A 176 19.27 8.72 5.46
N ILE A 177 18.10 8.92 4.86
CA ILE A 177 16.86 8.57 5.53
C ILE A 177 16.88 7.09 5.93
N LYS A 178 17.45 6.25 5.07
CA LYS A 178 17.56 4.82 5.35
C LYS A 178 18.48 4.55 6.56
N ALA A 179 19.67 5.15 6.58
CA ALA A 179 20.55 5.01 7.75
C ALA A 179 19.92 5.63 9.00
N PHE A 180 19.22 6.75 8.82
CA PHE A 180 18.46 7.36 9.92
C PHE A 180 17.47 6.38 10.51
N THR A 181 16.71 5.69 9.66
CA THR A 181 15.77 4.68 10.14
C THR A 181 16.49 3.45 10.66
N GLU A 182 17.59 3.06 10.01
CA GLU A 182 18.30 1.85 10.41
C GLU A 182 18.98 2.01 11.78
N GLY A 183 19.33 3.24 12.15
CA GLY A 183 20.12 3.45 13.35
C GLY A 183 21.61 3.30 13.18
N SER A 184 22.11 3.39 11.95
CA SER A 184 23.54 3.26 11.65
C SER A 184 23.98 4.54 10.94
N PRO A 185 24.16 5.64 11.68
CA PRO A 185 24.57 6.89 11.03
C PRO A 185 25.97 6.82 10.42
N GLU A 186 26.80 5.85 10.81
CA GLU A 186 28.17 5.75 10.30
C GLU A 186 28.28 4.97 8.98
N LEU A 187 27.18 4.49 8.41
CA LEU A 187 27.25 3.57 7.27
C LEU A 187 26.51 4.13 6.04
N THR A 188 27.02 3.76 4.87
CA THR A 188 26.28 3.96 3.63
C THR A 188 25.18 2.91 3.54
N VAL A 189 24.22 3.15 2.64
CA VAL A 189 23.14 2.17 2.46
C VAL A 189 23.71 0.84 1.97
N GLY A 190 24.59 0.88 0.98
CA GLY A 190 25.25 -0.34 0.51
C GLY A 190 25.91 -1.12 1.64
N GLU A 191 26.59 -0.42 2.56
CA GLU A 191 27.24 -1.08 3.69
C GLU A 191 26.22 -1.71 4.62
N ILE A 192 25.14 -0.98 4.94
CA ILE A 192 24.06 -1.53 5.76
C ILE A 192 23.52 -2.82 5.15
N MET A 193 23.23 -2.81 3.85
CA MET A 193 22.72 -4.02 3.21
C MET A 193 23.74 -5.15 3.26
N SER A 194 25.02 -4.82 3.06
CA SER A 194 26.03 -5.87 2.89
C SER A 194 26.32 -6.64 4.17
N ARG A 195 25.78 -6.21 5.31
CA ARG A 195 26.18 -6.74 6.62
C ARG A 195 25.24 -7.81 7.16
N HIS A 196 24.10 -8.05 6.52
CA HIS A 196 23.19 -9.10 6.95
C HIS A 196 22.99 -10.07 5.80
N PRO A 197 23.35 -11.34 5.98
CA PRO A 197 23.30 -12.29 4.85
C PRO A 197 21.96 -12.36 4.13
N GLU A 198 20.83 -12.44 4.86
CA GLU A 198 19.55 -12.62 4.20
C GLU A 198 19.16 -11.39 3.39
N ARG A 199 19.37 -10.19 3.94
CA ARG A 199 19.08 -8.97 3.21
C ARG A 199 19.98 -8.83 1.98
N THR A 200 21.25 -9.22 2.12
CA THR A 200 22.17 -9.24 0.99
C THR A 200 21.75 -10.24 -0.07
N ALA A 201 21.40 -11.46 0.36
CA ALA A 201 20.97 -12.47 -0.59
C ALA A 201 19.72 -12.03 -1.34
N ASN A 202 18.77 -11.41 -0.64
CA ASN A 202 17.60 -10.87 -1.30
C ASN A 202 17.97 -9.76 -2.28
N MET A 203 18.86 -8.86 -1.87
CA MET A 203 19.29 -7.79 -2.76
C MET A 203 19.84 -8.35 -4.07
N LEU A 204 20.78 -9.30 -3.97
CA LEU A 204 21.42 -9.84 -5.16
C LEU A 204 20.39 -10.41 -6.13
N ILE A 205 19.42 -11.17 -5.60
CA ILE A 205 18.44 -11.81 -6.44
C ILE A 205 17.51 -10.77 -7.08
N SER A 206 17.21 -9.69 -6.37
CA SER A 206 16.35 -8.66 -6.96
C SER A 206 16.99 -7.95 -8.14
N MET A 207 18.33 -7.98 -8.28
CA MET A 207 18.94 -7.27 -9.40
C MET A 207 18.66 -7.92 -10.74
N SER A 208 18.15 -9.16 -10.73
CA SER A 208 17.71 -9.82 -11.94
C SER A 208 16.28 -9.45 -12.33
N ALA A 209 15.56 -8.66 -11.54
CA ALA A 209 14.14 -8.43 -11.73
C ALA A 209 13.88 -7.21 -12.62
N MET A 210 12.64 -7.14 -13.13
CA MET A 210 12.19 -5.98 -13.93
C MET A 210 13.08 -5.72 -15.13
N ALA A 211 13.30 -6.77 -15.93
CA ALA A 211 14.01 -6.60 -17.20
C ALA A 211 13.30 -5.60 -18.11
N SER A 212 11.98 -5.43 -17.93
CA SER A 212 11.23 -4.47 -18.71
C SER A 212 11.62 -3.03 -18.40
N GLN A 213 12.31 -2.79 -17.28
CA GLN A 213 12.84 -1.48 -16.91
C GLN A 213 14.36 -1.42 -16.92
N TYR A 214 15.03 -2.49 -16.49
CA TYR A 214 16.48 -2.53 -16.35
C TYR A 214 17.02 -3.74 -17.12
N PRO A 215 16.96 -3.69 -18.44
CA PRO A 215 17.45 -4.84 -19.22
C PRO A 215 18.95 -5.00 -19.02
N HIS A 216 19.39 -6.25 -19.07
CA HIS A 216 20.81 -6.56 -18.96
C HIS A 216 21.51 -6.68 -20.31
N THR A 217 20.76 -6.91 -21.39
CA THR A 217 21.34 -6.95 -22.72
C THR A 217 20.32 -6.42 -23.71
N GLY A 218 20.70 -6.34 -24.97
CA GLY A 218 19.79 -5.97 -26.01
C GLY A 218 19.90 -4.55 -26.48
N PHE A 219 20.68 -3.71 -25.82
CA PHE A 219 20.75 -2.30 -26.18
C PHE A 219 22.16 -1.83 -26.48
N TYR A 220 23.18 -2.66 -26.27
CA TYR A 220 24.56 -2.26 -26.48
C TYR A 220 25.37 -3.49 -26.89
N ASP A 221 26.17 -3.32 -27.93
CA ASP A 221 26.93 -4.40 -28.53
C ASP A 221 28.34 -4.43 -27.96
N PHE A 222 28.74 -5.58 -27.43
CA PHE A 222 30.06 -5.73 -26.83
C PHE A 222 31.07 -6.42 -27.73
N SER A 223 30.66 -6.89 -28.92
CA SER A 223 31.55 -7.74 -29.70
C SER A 223 32.82 -7.03 -30.13
N TRP A 224 32.86 -5.69 -30.08
CA TRP A 224 34.12 -4.98 -30.33
C TRP A 224 35.21 -5.36 -29.34
N VAL A 225 34.85 -5.98 -28.22
CA VAL A 225 35.83 -6.35 -27.20
C VAL A 225 36.55 -7.64 -27.58
N ALA A 226 35.83 -8.59 -28.17
CA ALA A 226 36.41 -9.88 -28.53
C ALA A 226 37.74 -9.75 -29.25
N PRO A 227 37.86 -8.95 -30.33
CA PRO A 227 39.18 -8.73 -30.95
C PRO A 227 40.26 -8.42 -29.93
N LYS A 228 40.07 -7.36 -29.15
CA LYS A 228 41.08 -6.96 -28.18
C LYS A 228 41.39 -8.05 -27.17
N ALA A 229 40.44 -8.98 -26.93
CA ALA A 229 40.71 -10.10 -26.05
C ALA A 229 41.93 -10.90 -26.46
N ALA A 230 42.33 -10.81 -27.73
CA ALA A 230 43.49 -11.55 -28.23
C ALA A 230 44.80 -10.82 -28.01
N GLU A 231 44.77 -9.49 -27.85
CA GLU A 231 46.00 -8.73 -27.67
C GLU A 231 46.68 -8.97 -26.35
N SER A 232 46.15 -9.85 -25.49
CA SER A 232 46.75 -10.04 -24.17
C SER A 232 46.08 -11.21 -23.49
N ALA A 233 46.88 -11.94 -22.70
CA ALA A 233 46.40 -13.09 -21.95
C ALA A 233 45.97 -12.73 -20.55
N THR A 234 46.23 -11.51 -20.11
CA THR A 234 46.01 -11.16 -18.72
C THR A 234 45.32 -9.81 -18.50
N ARG A 235 45.25 -8.93 -19.50
CA ARG A 235 44.57 -7.65 -19.32
C ARG A 235 43.10 -7.89 -18.97
N PRO A 236 42.58 -7.28 -17.91
CA PRO A 236 41.15 -7.48 -17.59
C PRO A 236 40.27 -6.79 -18.63
N LEU A 237 39.25 -7.51 -19.08
CA LEU A 237 38.43 -7.03 -20.19
C LEU A 237 37.29 -6.12 -19.70
N ILE A 238 36.45 -6.63 -18.81
CA ILE A 238 35.37 -5.85 -18.21
C ILE A 238 35.51 -5.90 -16.71
N VAL A 239 35.56 -4.74 -16.08
CA VAL A 239 35.49 -4.60 -14.63
C VAL A 239 34.07 -4.15 -14.30
N ASP A 240 33.31 -5.02 -13.63
CA ASP A 240 31.93 -4.77 -13.24
C ASP A 240 31.92 -4.11 -11.87
N ILE A 241 31.80 -2.79 -11.85
CA ILE A 241 31.95 -2.00 -10.63
C ILE A 241 30.61 -1.99 -9.86
N GLY A 242 30.61 -2.57 -8.66
CA GLY A 242 29.38 -2.80 -7.93
C GLY A 242 28.44 -3.75 -8.67
N GLY A 243 28.98 -4.87 -9.15
CA GLY A 243 28.27 -5.80 -10.00
C GLY A 243 27.34 -6.78 -9.33
N ALA A 244 27.14 -6.70 -8.02
CA ALA A 244 26.20 -7.57 -7.31
C ALA A 244 26.71 -9.00 -7.46
N LYS A 245 25.96 -9.92 -8.06
CA LYS A 245 26.40 -11.31 -8.22
C LYS A 245 26.78 -11.64 -9.65
N GLY A 246 27.07 -10.64 -10.48
CA GLY A 246 27.62 -10.87 -11.80
C GLY A 246 26.62 -11.27 -12.85
N TRP A 247 25.31 -11.14 -12.57
CA TRP A 247 24.28 -11.47 -13.56
C TRP A 247 24.50 -10.75 -14.88
N THR A 248 24.87 -9.46 -14.81
CA THR A 248 25.14 -8.71 -16.03
C THR A 248 26.39 -9.23 -16.75
N LEU A 249 27.41 -9.68 -16.00
CA LEU A 249 28.59 -10.25 -16.64
C LEU A 249 28.25 -11.56 -17.35
N GLN A 250 27.50 -12.43 -16.67
CA GLN A 250 27.07 -13.68 -17.29
C GLN A 250 26.26 -13.42 -18.54
N ALA A 251 25.35 -12.44 -18.50
CA ALA A 251 24.53 -12.13 -19.68
C ALA A 251 25.38 -11.61 -20.82
N ILE A 252 26.35 -10.73 -20.54
CA ILE A 252 27.21 -10.19 -21.59
C ILE A 252 28.06 -11.28 -22.24
N CYS A 253 28.61 -12.18 -21.42
CA CYS A 253 29.48 -13.24 -21.91
C CYS A 253 28.72 -14.38 -22.61
N LYS A 254 27.41 -14.47 -22.42
CA LYS A 254 26.62 -15.39 -23.22
C LYS A 254 26.36 -14.82 -24.61
N GLU A 255 26.04 -13.52 -24.68
CA GLU A 255 25.83 -12.87 -25.97
C GLU A 255 27.11 -12.84 -26.79
N THR A 256 28.25 -12.57 -26.15
CA THR A 256 29.54 -12.46 -26.82
C THR A 256 30.46 -13.55 -26.27
N PRO A 257 30.37 -14.77 -26.78
CA PRO A 257 31.15 -15.88 -26.21
C PRO A 257 32.66 -15.69 -26.35
N GLU A 258 33.11 -14.75 -27.17
CA GLU A 258 34.53 -14.47 -27.34
C GLU A 258 35.13 -13.72 -26.16
N ILE A 259 34.31 -13.09 -25.33
CA ILE A 259 34.76 -12.50 -24.07
C ILE A 259 34.73 -13.61 -23.02
N PRO A 260 35.88 -14.08 -22.54
CA PRO A 260 35.86 -15.10 -21.47
C PRO A 260 35.57 -14.45 -20.12
N ILE A 261 34.66 -15.05 -19.36
CA ILE A 261 34.31 -14.49 -18.07
C ILE A 261 35.52 -14.48 -17.15
N SER A 262 36.47 -15.40 -17.37
CA SER A 262 37.68 -15.44 -16.56
C SER A 262 38.53 -14.18 -16.72
N ARG A 263 38.31 -13.41 -17.79
CA ARG A 263 39.03 -12.15 -17.99
C ARG A 263 38.29 -10.95 -17.42
N CYS A 264 37.19 -11.17 -16.69
CA CYS A 264 36.34 -10.11 -16.18
C CYS A 264 36.40 -10.10 -14.65
N VAL A 265 36.21 -8.91 -14.08
CA VAL A 265 36.30 -8.70 -12.65
C VAL A 265 34.92 -8.31 -12.13
N LEU A 266 34.45 -9.04 -11.14
CA LEU A 266 33.22 -8.70 -10.42
C LEU A 266 33.63 -8.03 -9.11
N GLN A 267 33.31 -6.74 -8.96
CA GLN A 267 33.69 -5.95 -7.80
C GLN A 267 32.44 -5.52 -7.04
N ASP A 268 32.46 -5.71 -5.72
CA ASP A 268 31.39 -5.24 -4.86
C ASP A 268 31.94 -5.15 -3.45
N LEU A 269 31.07 -4.79 -2.50
CA LEU A 269 31.47 -4.70 -1.11
C LEU A 269 31.85 -6.08 -0.58
N SER A 270 32.78 -6.07 0.38
CA SER A 270 33.26 -7.29 1.01
C SER A 270 32.14 -8.29 1.35
N GLY A 271 31.09 -7.82 2.04
CA GLY A 271 30.02 -8.71 2.43
C GLY A 271 29.22 -9.24 1.26
N VAL A 272 29.07 -8.44 0.21
CA VAL A 272 28.32 -8.87 -0.97
C VAL A 272 29.12 -9.87 -1.77
N ILE A 273 30.41 -9.57 -2.00
CA ILE A 273 31.23 -10.43 -2.83
C ILE A 273 31.48 -11.78 -2.14
N GLN A 274 31.58 -11.80 -0.81
CA GLN A 274 31.71 -13.09 -0.11
C GLN A 274 30.46 -13.94 -0.30
N MET A 275 29.28 -13.31 -0.26
CA MET A 275 28.02 -14.02 -0.47
C MET A 275 27.92 -14.58 -1.87
N VAL A 276 28.54 -13.93 -2.86
CA VAL A 276 28.54 -14.47 -4.22
C VAL A 276 29.24 -15.81 -4.25
N GLN A 277 30.18 -16.03 -3.32
CA GLN A 277 30.91 -17.28 -3.28
C GLN A 277 29.98 -18.45 -2.91
N THR A 278 29.02 -18.22 -2.03
CA THR A 278 28.11 -19.31 -1.70
C THR A 278 26.91 -19.38 -2.66
N VAL A 279 26.39 -18.24 -3.08
CA VAL A 279 25.20 -18.24 -3.94
C VAL A 279 25.53 -18.39 -5.42
N GLY A 280 26.69 -17.94 -5.87
CA GLY A 280 26.97 -17.93 -7.29
C GLY A 280 27.22 -19.32 -7.83
N ASP A 281 26.99 -19.46 -9.14
CA ASP A 281 27.24 -20.73 -9.80
C ASP A 281 28.70 -20.80 -10.25
N GLU A 282 29.08 -21.96 -10.76
CA GLU A 282 30.48 -22.20 -11.10
C GLU A 282 30.96 -21.24 -12.18
N ASP A 283 30.06 -20.79 -13.04
CA ASP A 283 30.45 -19.86 -14.09
C ASP A 283 30.93 -18.54 -13.50
N ILE A 284 30.06 -17.86 -12.72
CA ILE A 284 30.47 -16.56 -12.18
C ILE A 284 31.60 -16.74 -11.19
N ARG A 285 31.62 -17.85 -10.45
CA ARG A 285 32.71 -18.05 -9.50
C ARG A 285 34.05 -18.28 -10.20
N SER A 286 34.05 -18.45 -11.51
CA SER A 286 35.31 -18.56 -12.24
C SER A 286 35.77 -17.22 -12.79
N ALA A 287 35.02 -16.15 -12.56
CA ALA A 287 35.49 -14.79 -12.82
C ALA A 287 36.45 -14.35 -11.73
N GLN A 288 36.97 -13.13 -11.85
CA GLN A 288 37.81 -12.53 -10.82
C GLN A 288 36.91 -11.74 -9.87
N LEU A 289 36.53 -12.36 -8.76
CA LEU A 289 35.79 -11.65 -7.73
C LEU A 289 36.75 -10.82 -6.88
N MET A 290 36.28 -9.66 -6.40
CA MET A 290 37.14 -8.69 -5.74
C MET A 290 36.34 -7.75 -4.86
N ALA A 291 36.65 -7.72 -3.56
CA ALA A 291 36.09 -6.73 -2.67
C ALA A 291 36.70 -5.36 -2.94
N ILE A 292 35.85 -4.32 -3.02
CA ILE A 292 36.30 -2.95 -3.18
C ILE A 292 35.39 -2.03 -2.39
N ASP A 293 35.78 -0.76 -2.33
CA ASP A 293 34.90 0.32 -1.91
C ASP A 293 35.01 1.41 -2.97
N PHE A 294 33.99 1.51 -3.85
CA PHE A 294 34.17 2.45 -4.96
C PHE A 294 34.07 3.91 -4.54
N HIS A 295 33.71 4.19 -3.27
CA HIS A 295 33.82 5.58 -2.78
C HIS A 295 35.27 6.01 -2.60
N LYS A 296 36.21 5.07 -2.55
CA LYS A 296 37.59 5.37 -2.22
C LYS A 296 38.61 4.97 -3.29
N GLU A 297 38.23 4.18 -4.29
CA GLU A 297 39.29 3.48 -5.01
C GLU A 297 38.73 2.75 -6.22
N GLN A 298 39.60 2.56 -7.20
CA GLN A 298 39.39 1.59 -8.27
C GLN A 298 40.73 0.87 -8.41
N PRO A 299 40.89 -0.27 -7.74
CA PRO A 299 42.22 -0.89 -7.63
C PRO A 299 42.70 -1.61 -8.87
N VAL A 300 41.89 -1.75 -9.90
CA VAL A 300 42.30 -2.43 -11.13
C VAL A 300 42.58 -1.37 -12.17
N GLN A 301 43.86 -1.17 -12.49
CA GLN A 301 44.29 -0.13 -13.42
C GLN A 301 44.49 -0.73 -14.81
N GLY A 302 44.06 0.01 -15.83
CA GLY A 302 44.33 -0.39 -17.20
C GLY A 302 43.39 -1.42 -17.79
N ALA A 303 42.25 -1.71 -17.16
CA ALA A 303 41.30 -2.63 -17.79
C ALA A 303 40.73 -2.00 -19.06
N LEU A 304 40.14 -2.84 -19.91
CA LEU A 304 39.63 -2.33 -21.18
C LEU A 304 38.32 -1.58 -20.99
N VAL A 305 37.39 -2.15 -20.23
CA VAL A 305 36.07 -1.60 -19.99
C VAL A 305 35.83 -1.54 -18.49
N TYR A 306 35.44 -0.37 -17.99
CA TYR A 306 34.88 -0.22 -16.66
C TYR A 306 33.38 0.02 -16.82
N MET A 307 32.56 -0.89 -16.28
CA MET A 307 31.12 -0.79 -16.36
C MET A 307 30.54 -0.39 -15.01
N ILE A 308 29.72 0.67 -15.03
CA ILE A 308 29.11 1.26 -13.85
C ILE A 308 27.60 1.15 -14.06
N ARG A 309 27.02 0.02 -13.67
CA ARG A 309 25.63 -0.29 -13.99
C ARG A 309 24.76 -0.08 -12.76
N ARG A 310 23.78 0.81 -12.88
CA ARG A 310 22.82 1.09 -11.81
C ARG A 310 23.57 1.37 -10.51
N ILE A 311 24.59 2.22 -10.62
CA ILE A 311 25.36 2.68 -9.48
C ILE A 311 25.07 4.14 -9.21
N LEU A 312 25.26 5.00 -10.20
CA LEU A 312 25.13 6.43 -9.97
C LEU A 312 23.74 6.79 -9.43
N ARG A 313 22.71 6.04 -9.82
CA ARG A 313 21.36 6.27 -9.32
C ARG A 313 21.33 6.33 -7.79
N ASP A 314 22.26 5.64 -7.13
CA ASP A 314 22.23 5.49 -5.68
C ASP A 314 22.87 6.64 -4.93
N PHE A 315 23.39 7.66 -5.62
CA PHE A 315 24.13 8.72 -4.92
C PHE A 315 23.84 10.06 -5.56
N GLY A 316 24.12 11.12 -4.80
CA GLY A 316 24.01 12.47 -5.31
C GLY A 316 25.15 12.84 -6.25
N ASP A 317 25.00 14.03 -6.84
CA ASP A 317 25.90 14.47 -7.91
C ASP A 317 27.37 14.46 -7.47
N ASP A 318 27.68 15.12 -6.36
CA ASP A 318 29.07 15.23 -5.94
C ASP A 318 29.67 13.86 -5.68
N GLU A 319 28.91 12.98 -5.04
CA GLU A 319 29.40 11.63 -4.78
C GLU A 319 29.62 10.85 -6.08
N CYS A 320 28.72 11.02 -7.06
CA CYS A 320 28.96 10.40 -8.37
C CYS A 320 30.26 10.87 -9.00
N VAL A 321 30.47 12.19 -9.04
CA VAL A 321 31.68 12.73 -9.63
C VAL A 321 32.90 12.11 -8.98
N SER A 322 32.85 12.00 -7.65
CA SER A 322 33.97 11.44 -6.90
C SER A 322 34.15 9.95 -7.21
N ILE A 323 33.05 9.19 -7.30
CA ILE A 323 33.17 7.79 -7.72
C ILE A 323 33.80 7.70 -9.10
N LEU A 324 33.32 8.51 -10.04
CA LEU A 324 33.85 8.46 -11.40
C LEU A 324 35.34 8.84 -11.44
N GLN A 325 35.75 9.79 -10.60
CA GLN A 325 37.14 10.23 -10.64
C GLN A 325 38.11 9.12 -10.25
N HIS A 326 37.71 8.23 -9.34
CA HIS A 326 38.59 7.12 -8.98
C HIS A 326 38.77 6.18 -10.17
N VAL A 327 37.71 6.01 -10.97
CA VAL A 327 37.81 5.11 -12.12
C VAL A 327 38.64 5.75 -13.22
N VAL A 328 38.42 7.05 -13.46
CA VAL A 328 39.21 7.76 -14.48
C VAL A 328 40.69 7.58 -14.20
N ALA A 329 41.08 7.72 -12.94
CA ALA A 329 42.48 7.55 -12.54
C ALA A 329 43.02 6.18 -12.94
N ALA A 330 42.15 5.16 -12.96
CA ALA A 330 42.59 3.80 -13.23
C ALA A 330 42.59 3.45 -14.70
N MET A 331 41.90 4.23 -15.53
CA MET A 331 41.79 3.93 -16.95
C MET A 331 43.12 4.16 -17.67
N ALA A 332 43.41 3.28 -18.62
CA ALA A 332 44.48 3.52 -19.59
C ALA A 332 43.96 4.44 -20.67
N PRO A 333 44.84 4.99 -21.51
CA PRO A 333 44.38 5.91 -22.56
C PRO A 333 43.35 5.29 -23.49
N ASP A 334 43.37 3.98 -23.71
CA ASP A 334 42.39 3.33 -24.57
C ASP A 334 41.22 2.71 -23.78
N SER A 335 41.13 2.99 -22.48
CA SER A 335 40.06 2.42 -21.68
C SER A 335 38.73 3.11 -21.99
N LYS A 336 37.64 2.37 -21.85
CA LYS A 336 36.29 2.93 -21.95
C LYS A 336 35.59 2.80 -20.61
N LEU A 337 34.81 3.82 -20.24
CA LEU A 337 33.99 3.80 -19.03
C LEU A 337 32.52 3.79 -19.45
N LEU A 338 31.79 2.76 -19.05
CA LEU A 338 30.42 2.56 -19.49
C LEU A 338 29.48 2.77 -18.31
N ILE A 339 28.53 3.69 -18.45
CA ILE A 339 27.47 3.91 -17.47
C ILE A 339 26.19 3.31 -18.06
N ALA A 340 25.67 2.28 -17.40
CA ALA A 340 24.38 1.68 -17.73
C ALA A 340 23.39 2.06 -16.63
N ASP A 341 22.30 2.72 -16.99
CA ASP A 341 21.39 3.19 -15.96
C ASP A 341 20.11 3.68 -16.61
N THR A 342 19.15 4.01 -15.76
CA THR A 342 17.92 4.63 -16.19
C THR A 342 18.15 6.07 -16.65
N VAL A 343 17.48 6.45 -17.73
CA VAL A 343 17.51 7.83 -18.23
C VAL A 343 16.07 8.20 -18.59
N THR A 344 15.50 9.12 -17.85
CA THR A 344 14.12 9.53 -18.06
C THR A 344 14.11 10.97 -18.56
N GLY A 345 12.91 11.51 -18.77
CA GLY A 345 12.73 12.90 -19.13
C GLY A 345 12.36 13.75 -17.92
N ASN A 346 11.79 14.91 -18.21
CA ASN A 346 11.32 15.81 -17.16
C ASN A 346 9.96 16.42 -17.52
N PRO A 347 8.93 16.22 -16.68
CA PRO A 347 9.05 15.45 -15.43
C PRO A 347 9.24 13.98 -15.75
N PRO A 348 9.64 13.19 -14.76
CA PRO A 348 9.99 11.79 -15.03
C PRO A 348 8.78 10.96 -15.42
N SER A 349 9.07 9.86 -16.12
N SER A 349 9.05 9.87 -16.14
CA SER A 349 8.06 8.88 -16.47
CA SER A 349 7.99 8.94 -16.49
C SER A 349 7.51 8.20 -15.21
C SER A 349 7.53 8.19 -15.23
N TRP A 350 6.45 7.43 -15.40
CA TRP A 350 5.78 6.77 -14.28
C TRP A 350 6.75 5.93 -13.43
N PHE A 351 7.42 4.95 -14.04
CA PHE A 351 8.27 4.05 -13.27
C PHE A 351 9.50 4.77 -12.71
N PRO A 352 10.23 5.57 -13.48
CA PRO A 352 11.32 6.35 -12.88
C PRO A 352 10.84 7.32 -11.82
N ALA A 353 9.61 7.83 -11.93
CA ALA A 353 9.14 8.74 -10.88
C ALA A 353 8.95 7.99 -9.58
N MET A 354 8.45 6.75 -9.65
CA MET A 354 8.36 5.94 -8.44
C MET A 354 9.73 5.78 -7.79
N LEU A 355 10.73 5.40 -8.60
CA LEU A 355 12.04 5.12 -8.02
C LEU A 355 12.74 6.39 -7.55
N ASP A 356 12.58 7.51 -8.25
CA ASP A 356 13.20 8.75 -7.78
C ASP A 356 12.78 9.07 -6.36
N PHE A 357 11.52 8.80 -6.02
CA PHE A 357 11.06 9.03 -4.65
C PHE A 357 11.67 8.03 -3.68
N PHE A 358 11.70 6.74 -4.06
CA PHE A 358 12.39 5.71 -3.27
C PHE A 358 13.84 6.10 -3.06
N LEU A 359 14.52 6.54 -4.12
CA LEU A 359 15.97 6.78 -4.06
C LEU A 359 16.32 7.95 -3.14
N SER A 360 15.42 8.92 -2.97
CA SER A 360 15.72 10.01 -2.04
C SER A 360 15.97 9.51 -0.62
N THR A 361 15.46 8.33 -0.24
CA THR A 361 15.76 7.78 1.08
C THR A 361 17.17 7.23 1.19
N ILE A 362 17.87 7.06 0.07
CA ILE A 362 19.25 6.60 0.11
C ILE A 362 20.21 7.61 -0.50
N GLY A 363 19.74 8.81 -0.80
CA GLY A 363 20.59 9.86 -1.30
C GLY A 363 20.76 9.91 -2.80
N GLY A 364 19.97 9.13 -3.54
CA GLY A 364 20.06 9.05 -4.98
C GLY A 364 18.87 9.67 -5.67
N LYS A 365 18.72 9.34 -6.96
CA LYS A 365 17.72 9.99 -7.77
C LYS A 365 17.77 9.42 -9.17
N GLU A 366 16.68 9.62 -9.91
CA GLU A 366 16.67 9.35 -11.33
C GLU A 366 17.09 10.61 -12.07
N ARG A 367 17.76 10.43 -13.23
CA ARG A 367 18.37 11.53 -13.94
C ARG A 367 17.97 11.53 -15.41
N THR A 368 17.99 12.73 -16.00
CA THR A 368 17.88 12.93 -17.44
C THR A 368 19.25 12.72 -18.10
N GLU A 369 19.25 12.60 -19.42
CA GLU A 369 20.51 12.53 -20.14
C GLU A 369 21.37 13.76 -19.87
N GLU A 370 20.76 14.93 -19.83
CA GLU A 370 21.54 16.15 -19.57
C GLU A 370 22.19 16.11 -18.20
N GLU A 371 21.48 15.57 -17.18
CA GLU A 371 22.05 15.50 -15.85
C GLU A 371 23.26 14.59 -15.81
N PHE A 372 23.23 13.48 -16.57
CA PHE A 372 24.39 12.60 -16.64
C PHE A 372 25.57 13.27 -17.34
N ARG A 373 25.29 14.06 -18.40
CA ARG A 373 26.37 14.76 -19.11
C ARG A 373 27.08 15.75 -18.20
N LYS A 374 26.34 16.47 -17.38
CA LYS A 374 26.99 17.37 -16.43
C LYS A 374 27.91 16.62 -15.48
N ILE A 375 27.49 15.43 -15.02
CA ILE A 375 28.28 14.69 -14.04
C ILE A 375 29.54 14.13 -14.68
N THR A 376 29.40 13.54 -15.88
CA THR A 376 30.58 13.02 -16.57
C THR A 376 31.54 14.14 -16.92
N ALA A 377 31.02 15.31 -17.28
CA ALA A 377 31.89 16.45 -17.57
C ALA A 377 32.67 16.87 -16.34
N ARG A 378 32.00 17.00 -15.19
CA ARG A 378 32.72 17.33 -13.96
C ARG A 378 33.80 16.29 -13.66
N ALA A 379 33.60 15.05 -14.10
CA ALA A 379 34.52 13.97 -13.82
C ALA A 379 35.70 13.92 -14.77
N GLY A 380 35.73 14.78 -15.79
CA GLY A 380 36.79 14.71 -16.78
C GLY A 380 36.57 13.67 -17.85
N LEU A 381 35.33 13.39 -18.21
CA LEU A 381 34.99 12.37 -19.19
C LEU A 381 34.33 13.01 -20.39
N ARG A 382 34.56 12.42 -21.56
CA ARG A 382 33.86 12.77 -22.79
C ARG A 382 32.94 11.62 -23.17
N ILE A 383 31.71 11.96 -23.55
CA ILE A 383 30.75 10.96 -24.00
C ILE A 383 30.93 10.76 -25.50
N THR A 384 31.30 9.55 -25.90
CA THR A 384 31.39 9.21 -27.32
C THR A 384 30.12 8.59 -27.87
N GLY A 385 29.14 8.27 -27.01
CA GLY A 385 27.93 7.64 -27.50
C GLY A 385 26.92 7.28 -26.42
N ILE A 386 25.65 7.36 -26.75
CA ILE A 386 24.57 6.96 -25.85
C ILE A 386 23.66 6.03 -26.62
N HIS A 387 23.51 4.80 -26.15
CA HIS A 387 22.77 3.75 -26.83
C HIS A 387 21.55 3.39 -25.97
N TYR A 388 20.40 3.95 -26.32
CA TYR A 388 19.15 3.71 -25.61
C TYR A 388 18.54 2.36 -25.97
N SER A 389 17.88 1.77 -24.99
CA SER A 389 17.03 0.61 -25.27
C SER A 389 15.77 1.05 -25.99
N ASP A 390 15.29 0.20 -26.89
CA ASP A 390 14.02 0.48 -27.54
C ASP A 390 12.82 -0.06 -26.75
N LYS A 391 13.05 -0.63 -25.56
CA LYS A 391 12.00 -1.20 -24.74
C LYS A 391 11.93 -0.59 -23.34
N ALA A 392 12.85 0.28 -22.97
CA ALA A 392 12.91 0.81 -21.62
C ALA A 392 13.68 2.11 -21.65
N GLU A 393 13.34 3.02 -20.74
CA GLU A 393 14.12 4.24 -20.52
C GLU A 393 15.41 3.83 -19.81
N PHE A 394 16.34 3.32 -20.61
CA PHE A 394 17.56 2.72 -20.10
C PHE A 394 18.61 2.84 -21.19
N ALA A 395 19.84 3.15 -20.81
CA ALA A 395 20.83 3.42 -21.83
C ALA A 395 22.21 3.02 -21.35
N MET A 396 23.10 2.80 -22.31
CA MET A 396 24.53 2.70 -22.06
C MET A 396 25.19 4.00 -22.50
N ILE A 397 25.82 4.70 -21.56
CA ILE A 397 26.56 5.92 -21.84
C ILE A 397 28.03 5.55 -21.95
N VAL A 398 28.58 5.64 -23.17
CA VAL A 398 29.97 5.29 -23.45
C VAL A 398 30.85 6.54 -23.30
N CYS A 399 31.90 6.44 -22.46
CA CYS A 399 32.76 7.55 -22.11
C CYS A 399 34.23 7.19 -22.25
N GLU A 400 35.05 8.21 -22.48
CA GLU A 400 36.50 8.12 -22.40
C GLU A 400 37.04 9.38 -21.73
N LYS A 401 38.33 9.35 -21.40
CA LYS A 401 38.96 10.50 -20.75
C LYS A 401 39.00 11.69 -21.70
N ALA A 402 38.77 12.88 -21.15
CA ALA A 402 38.70 14.10 -21.95
C ALA A 402 40.08 14.57 -22.41
N SER B 10 -14.59 -5.23 -20.95
CA SER B 10 -13.56 -5.33 -21.97
C SER B 10 -12.93 -3.97 -22.22
N LEU B 11 -11.85 -3.94 -23.00
CA LEU B 11 -11.32 -2.66 -23.46
C LEU B 11 -12.40 -1.85 -24.17
N ASP B 12 -13.28 -2.52 -24.90
CA ASP B 12 -14.27 -1.81 -25.70
C ASP B 12 -15.35 -1.18 -24.82
N THR B 13 -15.90 -1.95 -23.87
CA THR B 13 -16.90 -1.36 -22.98
C THR B 13 -16.31 -0.25 -22.13
N LEU B 14 -15.03 -0.36 -21.76
CA LEU B 14 -14.40 0.72 -21.03
C LEU B 14 -14.35 1.98 -21.88
N ALA B 15 -13.95 1.84 -23.15
CA ALA B 15 -13.94 2.99 -24.05
C ALA B 15 -15.34 3.57 -24.18
N ALA B 16 -16.34 2.70 -24.28
CA ALA B 16 -17.72 3.17 -24.39
C ALA B 16 -18.11 4.03 -23.20
N LYS B 17 -17.72 3.63 -22.00
CA LYS B 17 -18.08 4.44 -20.84
C LYS B 17 -17.30 5.76 -20.80
N LEU B 18 -16.05 5.77 -21.28
CA LEU B 18 -15.33 7.03 -21.39
C LEU B 18 -15.99 7.97 -22.40
N ILE B 19 -16.49 7.42 -23.51
CA ILE B 19 -17.19 8.24 -24.49
C ILE B 19 -18.47 8.81 -23.89
N GLU B 20 -19.22 7.98 -23.16
CA GLU B 20 -20.42 8.48 -22.50
C GLU B 20 -20.08 9.57 -21.49
N LYS B 21 -19.09 9.31 -20.62
CA LYS B 21 -18.63 10.35 -19.71
C LYS B 21 -18.24 11.62 -20.48
N ALA B 22 -17.39 11.47 -21.49
CA ALA B 22 -16.95 12.62 -22.27
C ALA B 22 -18.12 13.39 -22.86
N LYS B 23 -19.17 12.67 -23.29
CA LYS B 23 -20.35 13.32 -23.85
C LYS B 23 -21.11 14.06 -22.76
N ASP B 24 -21.43 13.36 -21.68
CA ASP B 24 -22.22 13.97 -20.61
C ASP B 24 -21.51 15.20 -20.03
N LEU B 25 -20.18 15.26 -20.12
CA LEU B 25 -19.46 16.39 -19.58
C LEU B 25 -19.56 17.61 -20.49
N ARG B 26 -19.52 17.39 -21.80
CA ARG B 26 -19.72 18.49 -22.75
C ARG B 26 -21.16 19.01 -22.70
N ALA B 27 -22.13 18.14 -22.44
CA ALA B 27 -23.52 18.56 -22.34
C ALA B 27 -23.86 19.14 -20.97
N GLY B 28 -22.91 19.15 -20.04
CA GLY B 28 -23.19 19.69 -18.72
C GLY B 28 -24.07 18.84 -17.84
N ASN B 29 -24.40 17.61 -18.25
CA ASN B 29 -25.13 16.70 -17.39
C ASN B 29 -24.19 16.13 -16.32
N SER B 30 -24.71 15.97 -15.12
CA SER B 30 -23.91 15.49 -14.00
C SER B 30 -23.90 13.96 -14.00
N THR B 31 -22.69 13.39 -13.95
CA THR B 31 -22.56 11.96 -13.75
C THR B 31 -23.32 11.54 -12.49
N THR B 32 -23.83 10.33 -12.50
CA THR B 32 -24.43 9.83 -11.28
C THR B 32 -23.43 8.97 -10.51
N PRO B 33 -23.65 8.78 -9.21
CA PRO B 33 -22.76 7.88 -8.45
C PRO B 33 -22.66 6.48 -9.03
N GLN B 34 -23.80 5.87 -9.36
CA GLN B 34 -23.78 4.52 -9.93
C GLN B 34 -23.01 4.49 -11.24
N GLN B 35 -23.14 5.54 -12.04
CA GLN B 35 -22.38 5.65 -13.28
C GLN B 35 -20.89 5.67 -12.98
N HIS B 36 -20.48 6.40 -11.94
CA HIS B 36 -19.07 6.48 -11.63
C HIS B 36 -18.53 5.12 -11.21
N GLU B 37 -19.26 4.42 -10.34
CA GLU B 37 -18.78 3.11 -9.89
C GLU B 37 -18.72 2.12 -11.05
N ALA B 38 -19.72 2.14 -11.93
CA ALA B 38 -19.69 1.28 -13.10
C ALA B 38 -18.43 1.50 -13.91
N LEU B 39 -18.04 2.77 -14.11
CA LEU B 39 -16.82 3.08 -14.86
C LEU B 39 -15.58 2.62 -14.10
N VAL B 40 -15.52 2.87 -12.79
CA VAL B 40 -14.38 2.39 -12.01
C VAL B 40 -14.35 0.87 -12.00
N GLY B 41 -15.50 0.24 -11.89
CA GLY B 41 -15.54 -1.22 -11.93
C GLY B 41 -15.01 -1.78 -13.25
N THR B 42 -15.45 -1.21 -14.37
CA THR B 42 -15.02 -1.75 -15.66
C THR B 42 -13.51 -1.56 -15.83
N LEU B 43 -12.99 -0.42 -15.39
CA LEU B 43 -11.55 -0.20 -15.38
C LEU B 43 -10.82 -1.29 -14.59
N LYS B 44 -11.28 -1.58 -13.37
CA LYS B 44 -10.59 -2.57 -12.55
C LYS B 44 -10.62 -3.95 -13.22
N GLN B 45 -11.73 -4.29 -13.86
CA GLN B 45 -11.82 -5.56 -14.56
C GLN B 45 -10.85 -5.63 -15.73
N VAL B 46 -10.71 -4.54 -16.48
CA VAL B 46 -9.75 -4.55 -17.58
C VAL B 46 -8.32 -4.65 -17.06
N GLN B 47 -8.00 -3.89 -16.01
CA GLN B 47 -6.66 -3.96 -15.43
C GLN B 47 -6.35 -5.36 -14.91
N ASP B 48 -7.30 -5.96 -14.17
CA ASP B 48 -7.13 -7.34 -13.75
C ASP B 48 -6.82 -8.27 -14.93
N ALA B 49 -7.45 -8.02 -16.07
CA ALA B 49 -7.29 -8.87 -17.24
C ALA B 49 -6.00 -8.58 -17.99
N VAL B 50 -5.49 -7.35 -17.93
CA VAL B 50 -4.32 -6.96 -18.69
C VAL B 50 -3.05 -6.99 -17.84
N TYR B 51 -3.11 -6.56 -16.58
CA TYR B 51 -1.88 -6.47 -15.79
C TYR B 51 -1.31 -7.87 -15.57
N LEU B 52 0.00 -7.99 -15.79
CA LEU B 52 0.75 -9.15 -15.35
C LEU B 52 1.11 -8.99 -13.87
N PRO B 53 1.50 -10.09 -13.21
CA PRO B 53 1.97 -9.96 -11.80
C PRO B 53 3.01 -8.86 -11.59
N ARG B 54 3.99 -8.73 -12.47
CA ARG B 54 4.93 -7.63 -12.30
C ARG B 54 4.21 -6.29 -12.32
N ASP B 55 3.15 -6.14 -13.14
CA ASP B 55 2.42 -4.87 -13.16
C ASP B 55 1.65 -4.65 -11.87
N ASP B 56 1.05 -5.71 -11.30
CA ASP B 56 0.33 -5.53 -10.04
C ASP B 56 1.28 -5.17 -8.92
N LEU B 57 2.45 -5.81 -8.87
CA LEU B 57 3.38 -5.55 -7.77
C LEU B 57 3.98 -4.16 -7.90
N ALA B 58 4.28 -3.72 -9.12
CA ALA B 58 4.78 -2.37 -9.32
C ALA B 58 3.74 -1.33 -8.92
N ALA B 59 2.48 -1.53 -9.32
CA ALA B 59 1.42 -0.60 -8.93
C ALA B 59 1.24 -0.57 -7.43
N MET B 60 1.38 -1.71 -6.76
CA MET B 60 1.32 -1.72 -5.31
C MET B 60 2.44 -0.88 -4.71
N GLN B 61 3.66 -1.02 -5.23
CA GLN B 61 4.76 -0.22 -4.70
C GLN B 61 4.53 1.26 -4.95
N MET B 62 4.02 1.61 -6.12
CA MET B 62 3.74 3.01 -6.42
C MET B 62 2.73 3.58 -5.44
N GLY B 63 1.79 2.76 -4.97
CA GLY B 63 0.83 3.24 -4.00
C GLY B 63 1.49 3.66 -2.70
N PHE B 64 2.54 2.93 -2.27
CA PHE B 64 3.29 3.29 -1.08
C PHE B 64 3.87 4.70 -1.21
N VAL B 65 4.56 4.97 -2.32
CA VAL B 65 5.27 6.24 -2.44
C VAL B 65 4.32 7.38 -2.75
N THR B 66 3.21 7.14 -3.46
CA THR B 66 2.24 8.21 -3.61
C THR B 66 1.61 8.57 -2.25
N ALA B 67 1.33 7.56 -1.41
CA ALA B 67 0.82 7.87 -0.08
C ALA B 67 1.87 8.63 0.73
N ALA B 68 3.14 8.22 0.65
CA ALA B 68 4.18 8.89 1.44
C ALA B 68 4.40 10.31 0.93
N ALA B 69 4.37 10.51 -0.38
CA ALA B 69 4.44 11.85 -0.94
C ALA B 69 3.32 12.73 -0.42
N ILE B 70 2.10 12.22 -0.43
CA ILE B 70 0.97 13.02 0.06
C ILE B 70 1.15 13.32 1.54
N ARG B 71 1.61 12.33 2.31
CA ARG B 71 1.83 12.56 3.73
C ARG B 71 2.87 13.65 3.95
N LEU B 72 3.93 13.65 3.15
CA LEU B 72 5.01 14.61 3.37
C LEU B 72 4.57 16.02 2.98
N LEU B 73 3.77 16.14 1.92
CA LEU B 73 3.27 17.44 1.50
C LEU B 73 2.19 17.96 2.45
N LEU B 74 1.45 17.06 3.09
CA LEU B 74 0.53 17.49 4.15
C LEU B 74 1.31 18.05 5.33
N HIS B 75 2.29 17.28 5.81
CA HIS B 75 3.17 17.73 6.89
C HIS B 75 3.78 19.10 6.58
N TRP B 76 4.16 19.32 5.32
CA TRP B 76 4.77 20.58 4.94
C TRP B 76 3.75 21.67 4.63
N LYS B 77 2.45 21.36 4.71
CA LYS B 77 1.38 22.33 4.44
C LYS B 77 1.45 22.88 3.01
N VAL B 78 1.79 22.02 2.06
CA VAL B 78 1.97 22.46 0.68
C VAL B 78 0.64 22.51 -0.08
N PHE B 79 -0.28 21.57 0.21
CA PHE B 79 -1.56 21.60 -0.47
C PHE B 79 -2.34 22.87 -0.16
N GLU B 80 -2.21 23.39 1.06
CA GLU B 80 -2.83 24.67 1.40
C GLU B 80 -2.32 25.80 0.51
N LYS B 81 -1.04 25.76 0.14
CA LYS B 81 -0.43 26.88 -0.58
C LYS B 81 -0.64 26.82 -2.08
N ILE B 82 -1.02 25.67 -2.63
CA ILE B 82 -1.40 25.60 -4.04
C ILE B 82 -2.83 26.12 -4.20
N PRO B 83 -3.08 27.06 -5.09
CA PRO B 83 -4.42 27.67 -5.17
C PRO B 83 -5.47 26.67 -5.64
N ASP B 84 -6.72 26.95 -5.24
CA ASP B 84 -7.87 26.18 -5.68
C ASP B 84 -7.91 26.04 -7.19
N THR B 85 -7.61 27.12 -7.90
CA THR B 85 -7.51 27.10 -9.35
C THR B 85 -6.28 27.89 -9.75
N GLY B 86 -5.82 27.68 -10.98
CA GLY B 86 -4.59 28.29 -11.40
C GLY B 86 -3.39 27.53 -10.87
N SER B 87 -2.21 28.12 -11.07
CA SER B 87 -0.95 27.47 -10.72
C SER B 87 -0.10 28.37 -9.84
N ILE B 88 0.75 27.75 -9.04
CA ILE B 88 1.77 28.45 -8.26
C ILE B 88 3.13 27.96 -8.71
N ARG B 89 4.10 28.87 -8.74
CA ARG B 89 5.44 28.51 -9.13
C ARG B 89 6.12 27.70 -8.05
N TYR B 90 6.89 26.69 -8.46
CA TYR B 90 7.63 25.87 -7.51
C TYR B 90 8.50 26.73 -6.59
N GLU B 91 9.22 27.70 -7.18
CA GLU B 91 10.02 28.62 -6.39
C GLU B 91 9.18 29.33 -5.35
N GLU B 92 8.00 29.80 -5.76
CA GLU B 92 7.10 30.48 -4.83
C GLU B 92 6.65 29.54 -3.72
N LEU B 93 6.36 28.29 -4.09
CA LEU B 93 5.94 27.29 -3.12
C LEU B 93 7.04 27.03 -2.11
N ALA B 94 8.26 26.84 -2.59
CA ALA B 94 9.38 26.57 -1.68
C ALA B 94 9.61 27.74 -0.75
N THR B 95 9.47 28.97 -1.26
CA THR B 95 9.67 30.14 -0.41
C THR B 95 8.62 30.19 0.70
N GLN B 96 7.38 29.88 0.36
CA GLN B 96 6.31 29.94 1.36
C GLN B 96 6.41 28.81 2.38
N VAL B 97 7.07 27.71 2.02
CA VAL B 97 7.27 26.61 2.95
C VAL B 97 8.57 26.76 3.73
N GLY B 98 9.52 27.52 3.21
CA GLY B 98 10.84 27.57 3.80
C GLY B 98 11.68 26.36 3.48
N GLY B 99 11.46 25.73 2.32
CA GLY B 99 12.18 24.53 1.97
C GLY B 99 12.86 24.68 0.63
N ASP B 100 13.80 23.77 0.39
CA ASP B 100 14.55 23.74 -0.86
C ASP B 100 13.62 23.42 -2.03
N VAL B 101 13.65 24.27 -3.06
CA VAL B 101 12.79 24.04 -4.22
C VAL B 101 13.11 22.71 -4.91
N VAL B 102 14.31 22.17 -4.75
CA VAL B 102 14.66 20.96 -5.49
C VAL B 102 13.88 19.76 -4.96
N ILE B 103 13.93 19.53 -3.64
CA ILE B 103 13.24 18.38 -3.08
C ILE B 103 11.72 18.58 -3.16
N ILE B 104 11.24 19.81 -2.96
CA ILE B 104 9.80 20.05 -3.09
C ILE B 104 9.33 19.75 -4.51
N THR B 105 10.17 20.09 -5.50
CA THR B 105 9.81 19.80 -6.89
C THR B 105 9.83 18.30 -7.18
N ARG B 106 10.82 17.58 -6.66
CA ARG B 106 10.88 16.14 -6.88
C ARG B 106 9.67 15.43 -6.29
N ILE B 107 9.20 15.89 -5.13
CA ILE B 107 8.05 15.26 -4.50
C ILE B 107 6.79 15.53 -5.32
N CYS B 108 6.56 16.79 -5.72
CA CYS B 108 5.45 17.11 -6.61
C CYS B 108 5.52 16.36 -7.92
N TRP B 109 6.73 16.10 -8.42
CA TRP B 109 6.85 15.40 -9.70
C TRP B 109 6.32 13.99 -9.62
N LEU B 110 6.44 13.35 -8.47
CA LEU B 110 5.84 12.04 -8.31
C LEU B 110 4.33 12.13 -8.46
N LEU B 111 3.73 13.15 -7.85
CA LEU B 111 2.28 13.32 -7.88
C LEU B 111 1.82 13.83 -9.25
N VAL B 112 2.69 14.51 -9.98
CA VAL B 112 2.39 14.91 -11.35
C VAL B 112 2.38 13.68 -12.27
N ALA B 113 3.34 12.75 -12.08
CA ALA B 113 3.43 11.55 -12.91
C ALA B 113 2.32 10.55 -12.64
N THR B 114 1.64 10.67 -11.51
CA THR B 114 0.49 9.84 -11.19
C THR B 114 -0.82 10.60 -11.32
N GLY B 115 -0.80 11.81 -11.88
CA GLY B 115 -2.02 12.55 -12.13
C GLY B 115 -2.71 13.12 -10.92
N PHE B 116 -2.04 13.18 -9.76
CA PHE B 116 -2.62 13.84 -8.61
C PHE B 116 -2.53 15.35 -8.74
N LEU B 117 -1.38 15.84 -9.22
CA LEU B 117 -1.15 17.24 -9.51
C LEU B 117 -0.97 17.43 -11.01
N VAL B 118 -0.96 18.68 -11.45
CA VAL B 118 -0.72 19.02 -12.85
C VAL B 118 0.33 20.12 -12.89
N GLN B 119 1.18 20.09 -13.91
CA GLN B 119 2.13 21.15 -14.18
C GLN B 119 1.59 22.02 -15.29
N GLU B 120 1.70 23.34 -15.13
CA GLU B 120 1.15 24.21 -16.16
C GLU B 120 2.22 24.78 -17.09
N GLY B 121 3.46 24.81 -16.65
CA GLY B 121 4.56 24.93 -17.58
C GLY B 121 5.59 23.87 -17.26
N SER B 122 6.83 24.28 -17.07
CA SER B 122 7.85 23.44 -16.45
C SER B 122 8.17 23.88 -15.03
N ASP B 123 7.53 24.96 -14.53
CA ASP B 123 7.87 25.55 -13.26
C ASP B 123 6.67 25.80 -12.33
N ARG B 124 5.46 25.48 -12.77
CA ARG B 124 4.26 25.72 -11.97
C ARG B 124 3.47 24.44 -11.80
N VAL B 125 2.78 24.33 -10.67
CA VAL B 125 2.00 23.15 -10.30
C VAL B 125 0.61 23.60 -9.86
N ALA B 126 -0.37 22.70 -10.01
CA ALA B 126 -1.78 23.03 -9.76
C ALA B 126 -2.50 21.81 -9.18
N HIS B 127 -3.63 22.07 -8.54
CA HIS B 127 -4.46 21.00 -7.99
C HIS B 127 -5.19 20.26 -9.09
N THR B 128 -5.62 19.03 -8.76
CA THR B 128 -6.72 18.37 -9.46
C THR B 128 -7.82 18.07 -8.47
N ALA B 129 -8.95 17.57 -8.97
CA ALA B 129 -9.99 17.10 -8.06
C ALA B 129 -9.45 16.13 -7.03
N ARG B 130 -8.32 15.48 -7.32
CA ARG B 130 -7.83 14.43 -6.43
C ARG B 130 -7.03 14.98 -5.26
N THR B 131 -6.53 16.21 -5.33
CA THR B 131 -5.73 16.79 -4.26
C THR B 131 -6.39 17.96 -3.52
N ARG B 132 -7.47 18.53 -4.05
CA ARG B 132 -8.13 19.62 -3.33
C ARG B 132 -8.59 19.23 -1.92
N PRO B 133 -9.09 18.01 -1.67
CA PRO B 133 -9.43 17.65 -0.29
C PRO B 133 -8.28 17.81 0.70
N PHE B 134 -7.03 17.84 0.21
CA PHE B 134 -5.87 17.95 1.10
C PHE B 134 -5.52 19.40 1.45
N ALA B 135 -6.16 20.38 0.81
CA ALA B 135 -5.84 21.78 1.00
C ALA B 135 -6.54 22.44 2.18
N GLY B 136 -7.32 21.70 2.97
CA GLY B 136 -8.01 22.30 4.09
C GLY B 136 -8.54 21.23 5.02
N VAL B 137 -9.04 21.69 6.17
CA VAL B 137 -9.59 20.76 7.16
C VAL B 137 -10.93 20.21 6.68
N ASN B 138 -11.06 18.89 6.69
CA ASN B 138 -12.34 18.29 6.36
C ASN B 138 -12.32 16.80 6.71
N PRO B 139 -13.49 16.15 6.74
CA PRO B 139 -13.53 14.75 7.19
C PRO B 139 -12.70 13.80 6.35
N LEU B 140 -12.64 14.02 5.04
CA LEU B 140 -11.91 13.08 4.19
C LEU B 140 -10.41 13.19 4.43
N ARG B 141 -9.89 14.40 4.56
CA ARG B 141 -8.48 14.56 4.92
C ARG B 141 -8.20 13.93 6.27
N ALA B 142 -9.05 14.20 7.27
CA ALA B 142 -8.85 13.62 8.59
C ALA B 142 -8.82 12.10 8.53
N TRP B 143 -9.78 11.52 7.81
CA TRP B 143 -9.84 10.06 7.65
C TRP B 143 -8.56 9.54 7.00
N TRP B 144 -8.10 10.22 5.95
CA TRP B 144 -6.88 9.82 5.27
C TRP B 144 -5.69 9.80 6.23
N LEU B 145 -5.57 10.85 7.06
CA LEU B 145 -4.44 10.97 7.98
C LEU B 145 -4.52 9.95 9.10
N MET B 146 -5.73 9.71 9.62
CA MET B 146 -5.89 8.73 10.68
C MET B 146 -5.47 7.35 10.21
N GLY B 147 -5.97 6.92 9.04
CA GLY B 147 -5.59 5.63 8.51
C GLY B 147 -4.09 5.53 8.25
N TYR B 148 -3.49 6.62 7.76
CA TYR B 148 -2.06 6.56 7.48
C TYR B 148 -1.25 6.54 8.77
N ASP B 149 -1.47 7.51 9.67
CA ASP B 149 -0.61 7.64 10.84
C ASP B 149 -0.91 6.60 11.91
N GLU B 150 -2.18 6.19 12.06
CA GLU B 150 -2.63 5.29 13.13
C GLU B 150 -2.68 3.83 12.70
N TYR B 151 -2.69 3.55 11.41
CA TYR B 151 -2.96 2.21 10.92
C TYR B 151 -1.75 1.62 10.21
N VAL B 152 -1.14 2.36 9.27
CA VAL B 152 -0.01 1.80 8.51
C VAL B 152 1.11 1.34 9.42
N PRO B 153 1.52 2.08 10.46
CA PRO B 153 2.60 1.57 11.32
C PRO B 153 2.23 0.24 11.96
N VAL B 154 0.95 0.06 12.32
CA VAL B 154 0.48 -1.19 12.90
C VAL B 154 0.50 -2.31 11.87
N LEU B 155 0.13 -2.01 10.63
CA LEU B 155 0.24 -3.01 9.58
C LEU B 155 1.67 -3.52 9.46
N LEU B 156 2.66 -2.62 9.51
CA LEU B 156 4.07 -3.03 9.45
C LEU B 156 4.49 -3.86 10.65
N ALA B 157 3.91 -3.61 11.82
CA ALA B 157 4.30 -4.34 13.02
C ALA B 157 3.68 -5.73 13.11
N MET B 158 2.82 -6.13 12.17
CA MET B 158 2.05 -7.37 12.35
C MET B 158 2.94 -8.60 12.42
N PRO B 159 3.92 -8.79 11.53
CA PRO B 159 4.79 -9.98 11.68
C PRO B 159 5.47 -10.00 13.03
N ARG B 160 6.00 -8.86 13.47
CA ARG B 160 6.62 -8.77 14.79
C ARG B 160 5.62 -9.11 15.90
N TYR B 161 4.40 -8.58 15.78
CA TYR B 161 3.35 -8.88 16.75
C TYR B 161 3.09 -10.38 16.86
N TYR B 162 2.88 -11.06 15.72
CA TYR B 162 2.57 -12.47 15.77
C TYR B 162 3.81 -13.31 16.15
N ASP B 163 5.01 -12.81 15.85
CA ASP B 163 6.22 -13.44 16.40
C ASP B 163 6.17 -13.45 17.92
N THR B 164 5.61 -12.41 18.51
CA THR B 164 5.61 -12.24 19.95
C THR B 164 4.51 -13.07 20.61
N TYR B 165 3.30 -13.01 20.08
CA TYR B 165 2.16 -13.65 20.72
C TYR B 165 1.79 -14.99 20.10
N GLY B 166 2.47 -15.41 19.04
CA GLY B 166 2.06 -16.62 18.33
C GLY B 166 1.01 -16.31 17.27
N ILE B 167 1.01 -17.15 16.22
CA ILE B 167 -0.01 -17.07 15.19
C ILE B 167 -1.36 -17.48 15.78
N LYS B 168 -2.04 -16.52 16.40
CA LYS B 168 -3.32 -16.71 17.08
C LYS B 168 -4.20 -15.52 16.77
N GLU B 169 -5.50 -15.77 16.66
CA GLU B 169 -6.43 -14.67 16.49
C GLU B 169 -6.31 -13.71 17.68
N PRO B 170 -6.07 -12.42 17.45
CA PRO B 170 -6.07 -11.47 18.55
C PRO B 170 -7.50 -11.20 18.98
N THR B 171 -7.80 -11.47 20.25
CA THR B 171 -9.17 -11.39 20.73
C THR B 171 -9.35 -10.53 21.97
N GLY B 172 -8.28 -10.16 22.66
CA GLY B 172 -8.45 -9.35 23.84
C GLY B 172 -8.59 -7.87 23.55
N ARG B 173 -9.08 -7.14 24.56
CA ARG B 173 -9.02 -5.68 24.57
C ARG B 173 -7.64 -5.16 24.96
N LEU B 174 -6.87 -5.94 25.71
CA LEU B 174 -5.47 -5.64 25.98
C LEU B 174 -4.59 -6.49 25.06
N HIS B 175 -3.32 -6.08 24.95
CA HIS B 175 -2.34 -6.73 24.07
C HIS B 175 -2.83 -6.78 22.62
N THR B 176 -3.60 -5.76 22.22
CA THR B 176 -3.94 -5.60 20.82
C THR B 176 -2.70 -5.24 20.01
N ILE B 177 -2.81 -5.41 18.69
CA ILE B 177 -1.70 -5.04 17.82
C ILE B 177 -1.48 -3.54 17.85
N LYS B 178 -2.56 -2.77 17.91
CA LYS B 178 -2.44 -1.31 18.00
C LYS B 178 -1.67 -0.91 19.25
N ALA B 179 -2.10 -1.42 20.41
CA ALA B 179 -1.40 -1.11 21.66
C ALA B 179 0.02 -1.64 21.65
N PHE B 180 0.23 -2.85 21.11
CA PHE B 180 1.58 -3.39 21.01
C PHE B 180 2.47 -2.48 20.18
N THR B 181 1.96 -1.98 19.06
CA THR B 181 2.75 -1.08 18.21
C THR B 181 3.02 0.24 18.93
N GLU B 182 2.03 0.76 19.66
CA GLU B 182 2.19 2.01 20.39
C GLU B 182 3.15 1.86 21.56
N GLY B 183 3.42 0.64 21.99
CA GLY B 183 4.31 0.39 23.09
C GLY B 183 3.67 0.21 24.45
N SER B 184 2.34 0.15 24.52
CA SER B 184 1.61 -0.03 25.78
C SER B 184 0.58 -1.15 25.66
N PRO B 185 1.04 -2.40 25.46
CA PRO B 185 0.08 -3.51 25.31
C PRO B 185 -0.81 -3.74 26.53
N GLU B 186 -0.41 -3.21 27.69
CA GLU B 186 -1.19 -3.39 28.90
C GLU B 186 -2.31 -2.37 29.03
N LEU B 187 -2.46 -1.46 28.06
CA LEU B 187 -3.54 -0.49 28.03
C LEU B 187 -4.50 -0.83 26.90
N THR B 188 -5.75 -0.40 27.04
CA THR B 188 -6.66 -0.53 25.92
C THR B 188 -6.41 0.58 24.90
N VAL B 189 -6.97 0.39 23.70
CA VAL B 189 -6.82 1.40 22.66
C VAL B 189 -7.44 2.71 23.12
N GLY B 190 -8.58 2.65 23.81
CA GLY B 190 -9.23 3.86 24.28
C GLY B 190 -8.42 4.61 25.33
N GLU B 191 -7.72 3.87 26.21
CA GLU B 191 -6.83 4.53 27.16
C GLU B 191 -5.63 5.15 26.46
N ILE B 192 -5.07 4.46 25.46
CA ILE B 192 -3.98 5.04 24.68
C ILE B 192 -4.44 6.35 24.06
N MET B 193 -5.60 6.34 23.42
CA MET B 193 -6.06 7.55 22.71
C MET B 193 -6.38 8.67 23.69
N SER B 194 -6.74 8.37 24.94
CA SER B 194 -6.99 9.42 25.91
C SER B 194 -5.71 10.17 26.25
N ARG B 195 -4.54 9.56 26.07
CA ARG B 195 -3.27 10.24 26.24
C ARG B 195 -2.87 11.07 25.03
N HIS B 196 -3.74 11.24 24.02
CA HIS B 196 -3.34 11.82 22.74
C HIS B 196 -4.45 12.70 22.20
N PRO B 197 -4.48 13.97 22.62
CA PRO B 197 -5.61 14.87 22.28
C PRO B 197 -5.74 15.17 20.80
N GLU B 198 -4.63 15.62 20.18
CA GLU B 198 -4.66 15.95 18.76
C GLU B 198 -5.07 14.75 17.91
N ARG B 199 -4.44 13.60 18.15
CA ARG B 199 -4.82 12.42 17.39
C ARG B 199 -6.26 12.01 17.65
N THR B 200 -6.74 12.19 18.88
CA THR B 200 -8.15 11.93 19.17
C THR B 200 -9.06 12.93 18.46
N ALA B 201 -8.66 14.21 18.41
CA ALA B 201 -9.44 15.22 17.72
C ALA B 201 -9.61 14.88 16.25
N ASN B 202 -8.49 14.59 15.57
CA ASN B 202 -8.57 14.20 14.16
C ASN B 202 -9.43 12.96 13.97
N MET B 203 -9.37 12.02 14.92
CA MET B 203 -10.13 10.80 14.77
C MET B 203 -11.64 11.05 14.86
N LEU B 204 -12.06 11.96 15.74
CA LEU B 204 -13.49 12.26 15.83
C LEU B 204 -14.04 12.69 14.48
N ILE B 205 -13.39 13.67 13.84
CA ILE B 205 -13.81 14.15 12.54
C ILE B 205 -13.98 13.00 11.56
N SER B 206 -13.05 12.04 11.57
CA SER B 206 -13.11 10.95 10.61
C SER B 206 -14.08 9.85 11.03
N MET B 207 -13.99 9.39 12.28
CA MET B 207 -14.86 8.32 12.74
C MET B 207 -16.33 8.71 12.66
N SER B 208 -16.63 10.01 12.74
CA SER B 208 -18.00 10.46 12.61
C SER B 208 -18.48 10.41 11.16
N ALA B 209 -17.62 10.81 10.22
CA ALA B 209 -18.03 10.89 8.82
C ALA B 209 -18.40 9.52 8.27
N MET B 210 -17.52 8.52 8.45
CA MET B 210 -17.72 7.21 7.82
C MET B 210 -18.79 6.37 8.49
N ALA B 211 -19.36 6.82 9.61
CA ALA B 211 -20.48 6.09 10.20
C ALA B 211 -21.71 6.13 9.29
N SER B 212 -21.92 7.26 8.61
CA SER B 212 -23.08 7.49 7.75
C SER B 212 -23.07 6.64 6.48
N GLN B 213 -22.09 5.75 6.30
CA GLN B 213 -22.10 4.85 5.16
C GLN B 213 -22.92 3.59 5.40
N TYR B 214 -23.35 3.35 6.65
CA TYR B 214 -24.20 2.22 7.00
C TYR B 214 -25.62 2.68 7.32
N PRO B 215 -26.64 2.01 6.81
CA PRO B 215 -28.02 2.46 7.03
C PRO B 215 -28.55 2.11 8.42
N HIS B 216 -29.39 2.99 8.95
CA HIS B 216 -30.00 2.80 10.26
C HIS B 216 -31.37 2.15 10.18
N THR B 217 -32.17 2.54 9.20
CA THR B 217 -33.47 1.94 8.93
C THR B 217 -33.59 1.69 7.43
N GLY B 218 -34.74 1.16 7.01
CA GLY B 218 -35.06 0.97 5.61
C GLY B 218 -34.99 -0.46 5.15
N PHE B 219 -34.32 -1.33 5.90
CA PHE B 219 -34.24 -2.74 5.55
C PHE B 219 -34.75 -3.65 6.66
N TYR B 220 -35.29 -3.09 7.74
CA TYR B 220 -35.84 -3.87 8.84
C TYR B 220 -37.06 -3.15 9.40
N ASP B 221 -38.15 -3.90 9.56
CA ASP B 221 -39.43 -3.38 10.01
C ASP B 221 -39.49 -3.43 11.54
N PHE B 222 -39.38 -2.25 12.17
CA PHE B 222 -39.52 -2.11 13.62
C PHE B 222 -40.98 -2.00 14.07
N SER B 223 -41.94 -1.97 13.14
CA SER B 223 -43.31 -1.57 13.49
C SER B 223 -44.00 -2.58 14.40
N TRP B 224 -43.51 -3.82 14.47
CA TRP B 224 -44.10 -4.81 15.38
C TRP B 224 -43.97 -4.40 16.84
N VAL B 225 -43.17 -3.38 17.16
CA VAL B 225 -43.13 -2.86 18.52
C VAL B 225 -44.36 -2.03 18.85
N ALA B 226 -45.11 -1.58 17.84
CA ALA B 226 -46.22 -0.65 18.07
C ALA B 226 -47.36 -1.29 18.86
N PRO B 227 -47.78 -2.51 18.54
CA PRO B 227 -48.83 -3.15 19.36
C PRO B 227 -48.50 -3.22 20.84
N LYS B 228 -47.26 -3.55 21.21
CA LYS B 228 -46.93 -3.61 22.63
C LYS B 228 -46.98 -2.23 23.26
N ALA B 229 -46.54 -1.21 22.51
CA ALA B 229 -46.67 0.16 23.01
C ALA B 229 -48.12 0.52 23.32
N ALA B 230 -49.09 -0.19 22.75
CA ALA B 230 -50.50 0.09 22.97
C ALA B 230 -51.12 -0.84 24.01
N GLU B 231 -50.67 -2.09 24.12
CA GLU B 231 -51.19 -2.98 25.17
C GLU B 231 -50.71 -2.55 26.54
N SER B 232 -49.57 -1.88 26.62
CA SER B 232 -48.94 -1.61 27.90
C SER B 232 -48.46 -0.18 27.91
N ALA B 233 -48.74 0.54 28.99
CA ALA B 233 -48.26 1.91 29.12
C ALA B 233 -46.89 2.00 29.73
N THR B 234 -46.37 0.89 30.28
CA THR B 234 -45.17 0.93 31.13
C THR B 234 -43.95 0.26 30.54
N ARG B 235 -44.13 -0.88 29.87
CA ARG B 235 -42.99 -1.67 29.40
C ARG B 235 -42.07 -0.81 28.52
N PRO B 236 -40.77 -0.73 28.84
CA PRO B 236 -39.85 -0.02 27.94
C PRO B 236 -39.80 -0.73 26.59
N LEU B 237 -39.61 0.05 25.54
CA LEU B 237 -39.80 -0.53 24.20
C LEU B 237 -38.48 -0.88 23.53
N ILE B 238 -37.67 0.12 23.15
CA ILE B 238 -36.40 -0.13 22.47
C ILE B 238 -35.27 0.46 23.30
N VAL B 239 -34.32 -0.39 23.69
CA VAL B 239 -33.11 0.04 24.39
C VAL B 239 -31.96 -0.03 23.38
N ASP B 240 -31.39 1.12 23.07
CA ASP B 240 -30.26 1.20 22.15
C ASP B 240 -28.97 1.22 22.95
N ILE B 241 -28.23 0.11 22.91
CA ILE B 241 -27.04 -0.05 23.73
C ILE B 241 -25.83 0.48 22.97
N GLY B 242 -25.24 1.55 23.49
CA GLY B 242 -24.13 2.21 22.82
C GLY B 242 -24.51 3.03 21.61
N GLY B 243 -25.72 3.59 21.61
CA GLY B 243 -26.30 4.28 20.47
C GLY B 243 -25.80 5.68 20.19
N ALA B 244 -24.79 6.17 20.91
CA ALA B 244 -24.13 7.43 20.59
C ALA B 244 -25.04 8.62 20.80
N LYS B 245 -25.26 9.42 19.75
CA LYS B 245 -26.06 10.62 19.86
C LYS B 245 -27.55 10.35 19.92
N GLY B 246 -27.99 9.11 19.67
CA GLY B 246 -29.41 8.80 19.65
C GLY B 246 -30.08 8.93 18.31
N TRP B 247 -29.30 8.96 17.21
CA TRP B 247 -29.88 9.17 15.89
C TRP B 247 -30.68 7.95 15.42
N THR B 248 -30.21 6.74 15.72
CA THR B 248 -30.96 5.54 15.37
C THR B 248 -32.36 5.55 15.98
N LEU B 249 -32.46 5.85 17.28
CA LEU B 249 -33.78 5.87 17.92
C LEU B 249 -34.68 6.92 17.30
N GLN B 250 -34.13 8.11 17.01
CA GLN B 250 -34.93 9.17 16.39
C GLN B 250 -35.49 8.72 15.04
N ALA B 251 -34.64 8.16 14.18
CA ALA B 251 -35.08 7.70 12.86
C ALA B 251 -36.16 6.64 13.00
N ILE B 252 -35.94 5.65 13.86
CA ILE B 252 -36.88 4.56 14.01
C ILE B 252 -38.27 5.09 14.35
N CYS B 253 -38.34 6.05 15.28
CA CYS B 253 -39.63 6.54 15.77
C CYS B 253 -40.26 7.54 14.82
N LYS B 254 -39.48 8.16 13.95
CA LYS B 254 -40.07 8.99 12.91
C LYS B 254 -40.52 8.15 11.72
N GLU B 255 -39.79 7.08 11.40
CA GLU B 255 -40.29 6.11 10.44
C GLU B 255 -41.57 5.46 10.93
N THR B 256 -41.71 5.27 12.25
CA THR B 256 -42.90 4.65 12.84
C THR B 256 -43.35 5.47 14.04
N PRO B 257 -44.13 6.52 13.82
CA PRO B 257 -44.54 7.39 14.93
C PRO B 257 -45.38 6.70 16.00
N GLU B 258 -45.98 5.56 15.69
CA GLU B 258 -46.69 4.79 16.70
C GLU B 258 -45.75 4.22 17.76
N ILE B 259 -44.44 4.36 17.60
CA ILE B 259 -43.46 3.99 18.62
C ILE B 259 -43.04 5.26 19.34
N PRO B 260 -43.54 5.52 20.56
CA PRO B 260 -43.17 6.75 21.26
C PRO B 260 -41.72 6.72 21.69
N ILE B 261 -40.92 7.64 21.14
CA ILE B 261 -39.54 7.76 21.56
C ILE B 261 -39.48 8.04 23.06
N SER B 262 -40.58 8.51 23.64
CA SER B 262 -40.68 8.70 25.08
C SER B 262 -40.40 7.41 25.85
N ARG B 263 -40.65 6.26 25.22
CA ARG B 263 -40.57 4.99 25.90
C ARG B 263 -39.39 4.16 25.45
N CYS B 264 -38.44 4.77 24.74
CA CYS B 264 -37.21 4.15 24.32
C CYS B 264 -36.08 4.69 25.20
N VAL B 265 -34.95 3.98 25.19
CA VAL B 265 -33.83 4.28 26.08
C VAL B 265 -32.55 4.27 25.26
N LEU B 266 -31.76 5.34 25.41
CA LEU B 266 -30.43 5.40 24.84
C LEU B 266 -29.40 5.18 25.94
N GLN B 267 -28.49 4.24 25.73
CA GLN B 267 -27.41 3.97 26.66
C GLN B 267 -26.06 4.23 26.00
N ASP B 268 -25.21 5.01 26.67
CA ASP B 268 -23.85 5.26 26.19
C ASP B 268 -22.97 5.60 27.39
N LEU B 269 -21.85 6.27 27.13
CA LEU B 269 -20.94 6.72 28.18
C LEU B 269 -21.34 8.10 28.68
N SER B 270 -21.02 8.37 29.95
CA SER B 270 -21.53 9.58 30.61
C SER B 270 -21.18 10.84 29.82
N GLY B 271 -20.00 10.87 29.20
CA GLY B 271 -19.61 12.05 28.43
C GLY B 271 -20.46 12.26 27.20
N VAL B 272 -20.93 11.17 26.59
CA VAL B 272 -21.77 11.28 25.39
C VAL B 272 -23.22 11.56 25.77
N ILE B 273 -23.69 11.06 26.92
CA ILE B 273 -25.06 11.34 27.35
C ILE B 273 -25.22 12.81 27.71
N GLN B 274 -24.14 13.45 28.18
CA GLN B 274 -24.20 14.88 28.52
C GLN B 274 -24.33 15.74 27.26
N MET B 275 -23.73 15.31 26.16
CA MET B 275 -23.88 16.03 24.90
C MET B 275 -25.29 15.88 24.32
N VAL B 276 -25.94 14.75 24.59
CA VAL B 276 -27.32 14.55 24.10
C VAL B 276 -28.27 15.46 24.85
N GLN B 277 -28.01 15.71 26.14
CA GLN B 277 -28.92 16.52 26.93
C GLN B 277 -28.81 18.01 26.59
N THR B 278 -27.61 18.46 26.27
CA THR B 278 -27.36 19.89 26.11
C THR B 278 -27.74 20.39 24.72
N VAL B 279 -27.10 19.87 23.67
CA VAL B 279 -27.33 20.31 22.30
C VAL B 279 -28.06 19.26 21.47
N GLY B 280 -28.60 18.22 22.11
CA GLY B 280 -29.45 17.28 21.41
C GLY B 280 -30.78 17.91 21.01
N ASP B 281 -31.46 17.25 20.09
CA ASP B 281 -32.68 17.80 19.52
C ASP B 281 -33.91 17.37 20.33
N GLU B 282 -35.09 17.74 19.83
CA GLU B 282 -36.34 17.60 20.58
C GLU B 282 -36.53 16.19 21.13
N ASP B 283 -36.63 15.19 20.23
CA ASP B 283 -37.12 13.89 20.64
C ASP B 283 -36.06 13.05 21.36
N ILE B 284 -34.81 13.09 20.90
CA ILE B 284 -33.77 12.33 21.59
C ILE B 284 -33.68 12.76 23.05
N ARG B 285 -33.84 14.07 23.30
CA ARG B 285 -33.86 14.58 24.67
C ARG B 285 -35.09 14.10 25.42
N SER B 286 -36.18 13.80 24.72
CA SER B 286 -37.38 13.28 25.36
C SER B 286 -37.26 11.82 25.76
N ALA B 287 -36.28 11.09 25.24
CA ALA B 287 -36.05 9.70 25.61
C ALA B 287 -35.16 9.60 26.85
N GLN B 288 -35.34 8.53 27.61
CA GLN B 288 -34.50 8.23 28.76
C GLN B 288 -33.04 8.03 28.31
N LEU B 289 -32.13 8.80 28.90
CA LEU B 289 -30.70 8.69 28.57
C LEU B 289 -29.95 8.27 29.84
N MET B 290 -29.32 7.10 29.79
CA MET B 290 -28.51 6.59 30.90
C MET B 290 -27.07 6.44 30.48
N ALA B 291 -26.16 6.97 31.30
CA ALA B 291 -24.75 6.61 31.21
C ALA B 291 -24.56 5.23 31.83
N ILE B 292 -24.02 4.31 31.03
CA ILE B 292 -23.79 2.94 31.46
C ILE B 292 -22.40 2.51 31.00
N ASP B 293 -21.98 1.34 31.48
CA ASP B 293 -20.88 0.59 30.91
C ASP B 293 -21.48 -0.74 30.48
N PHE B 294 -21.63 -0.94 29.16
CA PHE B 294 -22.27 -2.18 28.75
C PHE B 294 -21.36 -3.39 28.93
N HIS B 295 -20.07 -3.18 29.22
CA HIS B 295 -19.19 -4.29 29.54
C HIS B 295 -19.56 -4.94 30.86
N LYS B 296 -20.19 -4.18 31.75
CA LYS B 296 -20.42 -4.64 33.12
C LYS B 296 -21.88 -4.71 33.54
N GLU B 297 -22.80 -4.02 32.83
CA GLU B 297 -24.15 -3.85 33.36
C GLU B 297 -25.15 -3.62 32.24
N GLN B 298 -26.44 -3.86 32.56
CA GLN B 298 -27.57 -3.44 31.74
C GLN B 298 -28.74 -3.15 32.67
N PRO B 299 -28.96 -1.88 33.03
CA PRO B 299 -29.98 -1.57 34.05
C PRO B 299 -31.42 -1.82 33.61
N VAL B 300 -31.78 -1.54 32.36
CA VAL B 300 -33.20 -1.56 31.96
C VAL B 300 -33.67 -3.01 31.85
N GLN B 301 -34.69 -3.35 32.62
CA GLN B 301 -35.19 -4.71 32.76
C GLN B 301 -36.45 -4.92 31.94
N GLY B 302 -36.52 -6.05 31.25
CA GLY B 302 -37.74 -6.46 30.56
C GLY B 302 -38.18 -5.64 29.36
N ALA B 303 -37.30 -4.80 28.80
CA ALA B 303 -37.65 -4.08 27.59
C ALA B 303 -38.03 -5.05 26.47
N LEU B 304 -38.82 -4.56 25.51
CA LEU B 304 -39.22 -5.40 24.39
C LEU B 304 -38.04 -5.67 23.45
N VAL B 305 -37.22 -4.65 23.21
CA VAL B 305 -36.12 -4.75 22.26
C VAL B 305 -34.85 -4.20 22.89
N TYR B 306 -33.78 -4.95 22.80
CA TYR B 306 -32.43 -4.46 23.07
C TYR B 306 -31.65 -4.52 21.77
N MET B 307 -30.96 -3.43 21.45
CA MET B 307 -30.31 -3.28 20.16
C MET B 307 -28.81 -3.01 20.36
N ILE B 308 -28.00 -3.72 19.59
CA ILE B 308 -26.56 -3.59 19.61
C ILE B 308 -26.10 -3.41 18.18
N ARG B 309 -25.74 -2.19 17.82
CA ARG B 309 -25.52 -1.82 16.43
C ARG B 309 -24.05 -1.49 16.25
N ARG B 310 -23.37 -2.27 15.41
CA ARG B 310 -21.98 -2.01 15.01
C ARG B 310 -21.06 -1.92 16.22
N ILE B 311 -21.31 -2.74 17.24
CA ILE B 311 -20.48 -2.77 18.44
C ILE B 311 -19.78 -4.11 18.60
N LEU B 312 -20.49 -5.22 18.39
CA LEU B 312 -19.89 -6.55 18.58
C LEU B 312 -18.69 -6.75 17.66
N ARG B 313 -18.67 -6.09 16.51
CA ARG B 313 -17.53 -6.20 15.60
C ARG B 313 -16.23 -5.73 16.25
N ASP B 314 -16.31 -4.96 17.33
CA ASP B 314 -15.14 -4.37 17.98
C ASP B 314 -14.53 -5.25 19.06
N PHE B 315 -15.09 -6.43 19.30
CA PHE B 315 -14.70 -7.25 20.43
C PHE B 315 -14.52 -8.70 20.02
N GLY B 316 -13.67 -9.41 20.76
CA GLY B 316 -13.54 -10.84 20.59
C GLY B 316 -14.75 -11.60 21.12
N ASP B 317 -14.76 -12.90 20.83
CA ASP B 317 -15.92 -13.74 21.13
C ASP B 317 -16.29 -13.71 22.61
N ASP B 318 -15.31 -13.93 23.50
CA ASP B 318 -15.60 -13.96 24.93
C ASP B 318 -16.16 -12.62 25.41
N GLU B 319 -15.58 -11.50 24.94
CA GLU B 319 -16.11 -10.19 25.31
C GLU B 319 -17.53 -9.99 24.79
N CYS B 320 -17.80 -10.41 23.55
CA CYS B 320 -19.16 -10.35 23.03
C CYS B 320 -20.13 -11.20 23.85
N VAL B 321 -19.72 -12.40 24.23
CA VAL B 321 -20.61 -13.27 25.00
C VAL B 321 -20.92 -12.64 26.36
N SER B 322 -19.90 -12.04 26.99
CA SER B 322 -20.11 -11.33 28.24
C SER B 322 -21.08 -10.16 28.08
N ILE B 323 -20.93 -9.39 27.00
CA ILE B 323 -21.89 -8.32 26.71
C ILE B 323 -23.28 -8.92 26.52
N LEU B 324 -23.38 -9.95 25.68
CA LEU B 324 -24.68 -10.55 25.41
C LEU B 324 -25.30 -11.13 26.68
N GLN B 325 -24.49 -11.76 27.54
CA GLN B 325 -25.05 -12.38 28.74
C GLN B 325 -25.60 -11.36 29.72
N HIS B 326 -25.02 -10.15 29.76
CA HIS B 326 -25.59 -9.10 30.59
C HIS B 326 -26.98 -8.71 30.10
N VAL B 327 -27.16 -8.62 28.78
CA VAL B 327 -28.46 -8.24 28.22
C VAL B 327 -29.47 -9.35 28.43
N VAL B 328 -29.06 -10.61 28.23
CA VAL B 328 -29.98 -11.74 28.41
C VAL B 328 -30.50 -11.79 29.84
N ALA B 329 -29.65 -11.43 30.83
CA ALA B 329 -30.08 -11.45 32.23
C ALA B 329 -31.19 -10.45 32.48
N ALA B 330 -31.26 -9.37 31.70
CA ALA B 330 -32.27 -8.34 31.84
C ALA B 330 -33.49 -8.56 30.96
N MET B 331 -33.43 -9.51 30.03
CA MET B 331 -34.52 -9.73 29.09
C MET B 331 -35.66 -10.50 29.74
N ALA B 332 -36.88 -10.13 29.39
CA ALA B 332 -38.04 -10.95 29.71
C ALA B 332 -38.14 -12.10 28.72
N PRO B 333 -39.00 -13.07 28.98
CA PRO B 333 -39.09 -14.22 28.07
C PRO B 333 -39.40 -13.86 26.62
N ASP B 334 -40.12 -12.77 26.39
CA ASP B 334 -40.54 -12.41 25.05
C ASP B 334 -39.69 -11.29 24.48
N SER B 335 -38.62 -10.93 25.17
CA SER B 335 -37.73 -9.88 24.70
C SER B 335 -37.01 -10.32 23.43
N LYS B 336 -36.70 -9.34 22.58
CA LYS B 336 -35.84 -9.55 21.42
C LYS B 336 -34.54 -8.78 21.62
N LEU B 337 -33.43 -9.37 21.17
CA LEU B 337 -32.14 -8.71 21.12
C LEU B 337 -31.75 -8.61 19.66
N LEU B 338 -31.64 -7.39 19.15
CA LEU B 338 -31.33 -7.13 17.74
C LEU B 338 -29.87 -6.74 17.63
N ILE B 339 -29.11 -7.50 16.85
CA ILE B 339 -27.73 -7.16 16.52
C ILE B 339 -27.70 -6.62 15.10
N ALA B 340 -27.25 -5.38 14.95
CA ALA B 340 -27.07 -4.76 13.65
C ALA B 340 -25.58 -4.76 13.36
N ASP B 341 -25.17 -5.59 12.41
CA ASP B 341 -23.75 -5.70 12.10
C ASP B 341 -23.64 -6.47 10.79
N THR B 342 -22.40 -6.57 10.29
CA THR B 342 -22.15 -7.34 9.10
C THR B 342 -22.20 -8.83 9.41
N VAL B 343 -22.92 -9.57 8.58
CA VAL B 343 -22.85 -11.01 8.55
C VAL B 343 -22.06 -11.38 7.29
N THR B 344 -20.72 -11.48 7.39
CA THR B 344 -19.92 -11.65 6.19
C THR B 344 -20.14 -13.02 5.59
N GLY B 345 -20.00 -13.09 4.27
CA GLY B 345 -20.06 -14.36 3.59
C GLY B 345 -18.76 -15.13 3.72
N ASN B 346 -18.83 -16.40 3.32
CA ASN B 346 -17.67 -17.27 3.26
C ASN B 346 -17.48 -17.62 1.78
N PRO B 347 -16.54 -16.98 1.08
CA PRO B 347 -15.65 -15.94 1.62
C PRO B 347 -16.29 -14.55 1.54
N PRO B 348 -15.72 -13.58 2.22
CA PRO B 348 -16.37 -12.26 2.32
C PRO B 348 -16.10 -11.38 1.11
N SER B 349 -17.00 -10.42 0.92
CA SER B 349 -16.74 -9.39 -0.08
C SER B 349 -15.68 -8.42 0.45
N TRP B 350 -15.21 -7.55 -0.44
CA TRP B 350 -13.94 -6.89 -0.20
C TRP B 350 -14.03 -5.86 0.91
N PHE B 351 -15.10 -5.07 0.94
CA PHE B 351 -15.19 -4.06 2.00
C PHE B 351 -15.22 -4.70 3.38
N PRO B 352 -16.10 -5.66 3.68
CA PRO B 352 -16.03 -6.32 4.99
C PRO B 352 -14.73 -7.09 5.21
N ALA B 353 -14.14 -7.66 4.16
CA ALA B 353 -12.85 -8.31 4.35
C ALA B 353 -11.82 -7.29 4.81
N MET B 354 -11.83 -6.09 4.24
CA MET B 354 -10.82 -5.11 4.63
C MET B 354 -11.12 -4.54 6.02
N LEU B 355 -12.40 -4.36 6.37
CA LEU B 355 -12.72 -3.97 7.73
C LEU B 355 -12.28 -5.04 8.72
N ASP B 356 -12.47 -6.31 8.37
CA ASP B 356 -12.07 -7.38 9.27
C ASP B 356 -10.57 -7.34 9.52
N PHE B 357 -9.79 -7.03 8.48
CA PHE B 357 -8.35 -6.93 8.62
C PHE B 357 -7.97 -5.82 9.59
N PHE B 358 -8.56 -4.63 9.43
CA PHE B 358 -8.31 -3.55 10.38
C PHE B 358 -8.71 -3.97 11.78
N LEU B 359 -9.91 -4.50 11.94
CA LEU B 359 -10.42 -4.88 13.26
C LEU B 359 -9.48 -5.84 13.99
N SER B 360 -8.67 -6.62 13.27
CA SER B 360 -7.72 -7.48 13.96
C SER B 360 -6.69 -6.70 14.77
N THR B 361 -6.51 -5.40 14.47
CA THR B 361 -5.59 -4.59 15.26
C THR B 361 -6.19 -4.10 16.57
N ILE B 362 -7.49 -4.29 16.82
CA ILE B 362 -8.13 -3.88 18.06
C ILE B 362 -8.85 -5.04 18.76
N GLY B 363 -8.71 -6.26 18.25
CA GLY B 363 -9.31 -7.42 18.87
C GLY B 363 -10.66 -7.82 18.34
N GLY B 364 -11.18 -7.13 17.32
CA GLY B 364 -12.46 -7.45 16.74
C GLY B 364 -12.36 -8.19 15.42
N LYS B 365 -13.51 -8.30 14.75
CA LYS B 365 -13.62 -9.07 13.52
C LYS B 365 -15.02 -8.92 12.94
N GLU B 366 -15.18 -9.11 11.63
CA GLU B 366 -16.50 -9.36 11.06
C GLU B 366 -16.80 -10.84 11.20
N ARG B 367 -18.05 -11.15 11.53
CA ARG B 367 -18.41 -12.53 11.82
C ARG B 367 -19.33 -13.07 10.74
N THR B 368 -19.12 -14.36 10.41
CA THR B 368 -20.03 -15.10 9.57
C THR B 368 -21.30 -15.42 10.34
N GLU B 369 -22.29 -15.94 9.62
CA GLU B 369 -23.51 -16.41 10.29
C GLU B 369 -23.20 -17.48 11.32
N GLU B 370 -22.37 -18.46 10.96
CA GLU B 370 -22.04 -19.54 11.88
C GLU B 370 -21.33 -19.01 13.13
N GLU B 371 -20.44 -18.03 12.96
CA GLU B 371 -19.77 -17.45 14.13
C GLU B 371 -20.79 -16.70 15.01
N PHE B 372 -21.75 -16.01 14.39
CA PHE B 372 -22.78 -15.33 15.18
C PHE B 372 -23.67 -16.32 15.92
N ARG B 373 -23.95 -17.50 15.33
CA ARG B 373 -24.77 -18.49 16.04
C ARG B 373 -24.03 -19.02 17.26
N LYS B 374 -22.70 -19.16 17.14
CA LYS B 374 -21.90 -19.65 18.25
C LYS B 374 -21.94 -18.68 19.43
N ILE B 375 -21.69 -17.40 19.18
CA ILE B 375 -21.65 -16.50 20.35
C ILE B 375 -23.04 -16.28 20.93
N THR B 376 -24.10 -16.28 20.09
CA THR B 376 -25.44 -16.12 20.62
C THR B 376 -25.86 -17.36 21.42
N ALA B 377 -25.56 -18.56 20.90
CA ALA B 377 -25.80 -19.77 21.68
C ALA B 377 -25.07 -19.74 23.01
N ARG B 378 -23.83 -19.22 23.03
CA ARG B 378 -23.09 -19.16 24.28
C ARG B 378 -23.76 -18.23 25.29
N ALA B 379 -24.47 -17.22 24.79
CA ALA B 379 -25.18 -16.28 25.65
C ALA B 379 -26.58 -16.75 26.02
N GLY B 380 -27.00 -17.92 25.53
CA GLY B 380 -28.35 -18.39 25.79
C GLY B 380 -29.39 -17.83 24.85
N LEU B 381 -28.97 -17.41 23.66
CA LEU B 381 -29.84 -16.85 22.63
C LEU B 381 -29.94 -17.80 21.45
N ARG B 382 -30.95 -17.54 20.63
CA ARG B 382 -31.24 -18.31 19.45
C ARG B 382 -31.62 -17.31 18.36
N ILE B 383 -30.96 -17.39 17.22
CA ILE B 383 -31.24 -16.48 16.11
C ILE B 383 -32.48 -16.98 15.38
N THR B 384 -33.52 -16.15 15.32
CA THR B 384 -34.76 -16.46 14.64
C THR B 384 -34.86 -15.82 13.26
N GLY B 385 -34.00 -14.85 12.95
CA GLY B 385 -34.03 -14.22 11.63
C GLY B 385 -32.80 -13.40 11.31
N ILE B 386 -32.50 -13.26 10.02
CA ILE B 386 -31.43 -12.39 9.56
C ILE B 386 -31.96 -11.63 8.35
N HIS B 387 -32.04 -10.29 8.47
CA HIS B 387 -32.65 -9.42 7.47
C HIS B 387 -31.57 -8.50 6.90
N TYR B 388 -31.19 -8.72 5.65
CA TYR B 388 -30.04 -8.04 5.07
C TYR B 388 -30.41 -6.69 4.47
N SER B 389 -29.57 -5.69 4.70
CA SER B 389 -29.58 -4.48 3.92
C SER B 389 -29.05 -4.78 2.51
N ASP B 390 -28.92 -3.73 1.70
CA ASP B 390 -28.29 -3.84 0.39
C ASP B 390 -26.82 -3.44 0.40
N LYS B 391 -26.24 -3.22 1.58
CA LYS B 391 -24.91 -2.63 1.75
C LYS B 391 -23.97 -3.62 2.44
N ALA B 392 -23.24 -4.38 1.63
CA ALA B 392 -22.05 -5.11 2.08
C ALA B 392 -22.39 -6.07 3.23
N GLU B 393 -23.47 -6.82 3.07
CA GLU B 393 -23.88 -7.86 4.01
C GLU B 393 -24.22 -7.33 5.40
N PHE B 394 -24.45 -6.02 5.53
CA PHE B 394 -24.95 -5.48 6.78
C PHE B 394 -26.36 -6.03 7.01
N ALA B 395 -26.59 -6.62 8.18
CA ALA B 395 -27.89 -7.24 8.42
C ALA B 395 -28.38 -6.89 9.82
N MET B 396 -29.67 -7.12 10.03
CA MET B 396 -30.27 -7.13 11.35
C MET B 396 -30.46 -8.58 11.77
N ILE B 397 -29.78 -8.97 12.85
CA ILE B 397 -29.85 -10.32 13.39
C ILE B 397 -30.81 -10.30 14.57
N VAL B 398 -31.89 -11.07 14.47
CA VAL B 398 -32.95 -11.10 15.48
C VAL B 398 -32.74 -12.33 16.36
N CYS B 399 -32.65 -12.13 17.67
CA CYS B 399 -32.42 -13.21 18.62
C CYS B 399 -33.49 -13.21 19.69
N GLU B 400 -33.75 -14.38 20.27
CA GLU B 400 -34.61 -14.55 21.42
C GLU B 400 -33.92 -15.47 22.41
N LYS B 401 -34.43 -15.45 23.65
CA LYS B 401 -34.01 -16.44 24.63
C LYS B 401 -34.28 -17.85 24.11
N ALA B 402 -33.33 -18.75 24.35
CA ALA B 402 -33.37 -20.07 23.70
C ALA B 402 -34.33 -21.02 24.38
N SAM C . 25.38 -3.58 -10.84
CA SAM C . 24.34 -4.46 -10.33
C SAM C . 23.13 -4.43 -11.25
O SAM C . 22.89 -3.46 -11.95
OXT SAM C . 22.36 -5.39 -11.30
CB SAM C . 23.93 -4.05 -8.93
CG SAM C . 23.34 -2.64 -8.86
SD SAM C . 22.77 -2.25 -7.18
CE SAM C . 21.56 -0.93 -7.55
C5' SAM C . 24.17 -1.33 -6.48
C4' SAM C . 25.34 -2.26 -6.15
O4' SAM C . 26.44 -1.50 -5.69
C3' SAM C . 25.02 -3.25 -5.04
O3' SAM C . 25.48 -4.52 -5.45
C2' SAM C . 25.81 -2.75 -3.84
O2' SAM C . 26.20 -3.78 -2.95
C1' SAM C . 27.00 -2.12 -4.55
N9 SAM C . 27.70 -1.12 -3.74
C8 SAM C . 27.14 -0.12 -2.97
N7 SAM C . 28.14 0.60 -2.40
C5 SAM C . 29.33 0.08 -2.82
C6 SAM C . 30.65 0.43 -2.54
N6 SAM C . 30.93 1.45 -1.72
N1 SAM C . 31.67 -0.31 -3.12
C2 SAM C . 31.37 -1.37 -3.95
N3 SAM C . 30.06 -1.71 -4.22
C4 SAM C . 29.06 -1.00 -3.66
C1 EDO D . 15.73 -0.49 7.21
O1 EDO D . 16.44 0.59 7.80
C2 EDO D . 14.39 -0.61 7.90
O2 EDO D . 13.53 -1.15 6.90
C1 GOL E . 43.48 4.60 -8.86
O1 GOL E . 43.36 3.31 -9.38
C2 GOL E . 42.40 4.81 -7.76
O2 GOL E . 42.40 3.79 -6.78
C3 GOL E . 42.74 6.21 -7.19
O3 GOL E . 41.71 6.61 -6.36
C1 EDO F . -1.03 5.12 -10.75
O1 EDO F . -1.20 5.62 -12.09
C2 EDO F . -1.49 6.18 -9.75
O2 EDO F . -2.81 6.66 -10.07
C1 EDO G . -12.93 -6.69 -35.43
O1 EDO G . -14.15 -7.46 -35.37
C2 EDO G . -13.17 -5.31 -34.81
O2 EDO G . -14.11 -4.57 -35.59
C1 EDO H . 4.14 1.31 -16.21
O1 EDO H . 5.54 1.18 -16.44
C2 EDO H . 3.57 2.33 -17.18
O2 EDO H . 3.79 1.78 -18.48
C1 EDO I . 6.40 -2.01 -16.08
O1 EDO I . 7.59 -2.77 -16.39
C2 EDO I . 5.80 -2.55 -14.77
O2 EDO I . 4.48 -2.02 -14.55
C1 EDO J . 30.36 14.90 -22.90
O1 EDO J . 29.21 15.49 -23.54
C2 EDO J . 30.22 15.13 -21.39
O2 EDO J . 31.11 14.26 -20.69
C1 EDO K . 28.53 12.03 2.70
O1 EDO K . 27.40 12.21 3.58
C2 EDO K . 28.35 12.78 1.39
O2 EDO K . 28.33 11.88 0.26
C1 EDO L . 2.26 6.73 -17.46
O1 EDO L . 2.72 5.41 -17.84
C2 EDO L . 0.73 6.79 -17.46
O2 EDO L . 0.28 7.86 -16.61
C1 EDO M . -1.01 1.05 -2.49
O1 EDO M . -0.26 -0.15 -2.71
C2 EDO M . -1.04 1.32 -0.99
O2 EDO M . -0.88 2.72 -0.78
C1 GOL N . 27.52 -12.10 3.27
O1 GOL N . 28.75 -12.72 3.57
C2 GOL N . 27.43 -10.85 4.21
O2 GOL N . 26.14 -10.34 4.30
C3 GOL N . 27.98 -11.31 5.57
O3 GOL N . 27.73 -10.25 6.45
C1 EDO O . 37.08 -20.52 -4.71
O1 EDO O . 36.52 -19.48 -5.53
C2 EDO O . 37.22 -20.01 -3.28
O2 EDO O . 38.45 -19.30 -3.15
C1 EDO P . 32.27 -17.05 -20.56
O1 EDO P . 33.62 -17.51 -20.51
C2 EDO P . 32.09 -16.16 -21.79
O2 EDO P . 32.34 -16.88 -22.99
C1 EDO Q . 5.73 2.80 -24.59
O1 EDO Q . 5.63 1.38 -24.74
C2 EDO Q . 4.79 3.31 -23.49
O2 EDO Q . 5.38 3.04 -22.20
C1 EDO R . 32.84 1.35 -29.54
O1 EDO R . 34.22 0.92 -29.53
C2 EDO R . 32.29 1.31 -28.11
O2 EDO R . 30.95 1.82 -28.08
C1 EDO S . -14.52 -28.80 10.65
O1 EDO S . -13.30 -28.27 10.14
C2 EDO S . -14.58 -28.65 12.17
O2 EDO S . -14.54 -27.25 12.51
C1 EDO T . 14.29 9.89 -22.92
O1 EDO T . 14.57 8.64 -22.27
C2 EDO T . 13.26 10.70 -22.15
O2 EDO T . 12.04 9.97 -22.05
C1 EDO U . 18.07 -0.82 -29.93
O1 EDO U . 18.48 -2.04 -30.57
C2 EDO U . 18.12 -1.05 -28.42
O2 EDO U . 17.19 -2.07 -28.05
C1 EDO V . 7.91 -13.57 -12.56
O1 EDO V . 7.83 -14.15 -11.25
C2 EDO V . 6.71 -14.00 -13.38
O2 EDO V . 5.52 -13.31 -12.94
C1 GOL W . 11.02 -9.30 -15.73
O1 GOL W . 10.10 -8.39 -16.28
C2 GOL W . 10.31 -10.00 -14.51
O2 GOL W . 10.42 -9.29 -13.26
C3 GOL W . 8.85 -10.19 -15.00
O3 GOL W . 8.27 -11.16 -14.18
C1 GOL X . 13.89 -8.88 3.10
O1 GOL X . 15.09 -8.05 3.05
C2 GOL X . 14.13 -10.09 4.08
O2 GOL X . 14.01 -11.33 3.46
C3 GOL X . 15.55 -9.90 4.61
O3 GOL X . 15.75 -10.91 5.57
C1 EDO Y . 4.58 -6.49 7.45
O1 EDO Y . 3.33 -5.89 7.10
C2 EDO Y . 5.59 -5.43 7.91
O2 EDO Y . 6.76 -6.10 8.38
S SO4 Z . 10.68 -13.91 6.14
O1 SO4 Z . 10.99 -12.56 6.58
O2 SO4 Z . 9.46 -13.92 5.32
O3 SO4 Z . 11.76 -14.42 5.30
O4 SO4 Z . 10.52 -14.73 7.33
S SO4 AA . 7.99 7.69 12.89
O1 SO4 AA . 9.05 8.62 12.51
O2 SO4 AA . 6.68 8.21 12.48
O3 SO4 AA . 8.24 6.41 12.23
O4 SO4 AA . 7.97 7.50 14.34
S SO4 BA . 12.54 6.82 13.49
O1 SO4 BA . 13.97 6.97 13.21
O2 SO4 BA . 11.81 7.92 12.88
O3 SO4 BA . 12.31 6.84 14.94
O4 SO4 BA . 12.08 5.55 12.96
S SO4 CA . -2.63 6.76 -2.30
O1 SO4 CA . -1.52 7.41 -2.99
O2 SO4 CA . -3.84 6.73 -3.14
O3 SO4 CA . -2.21 5.39 -1.99
O4 SO4 CA . -2.95 7.51 -1.09
C1 EDO DA . 20.71 -11.41 8.74
O1 EDO DA . 20.71 -12.44 7.74
C2 EDO DA . 19.51 -10.53 8.47
O2 EDO DA . 19.59 -10.21 7.08
N SAM EA . -24.54 1.92 17.98
CA SAM EA . -23.64 2.98 17.54
C SAM EA . -23.80 3.30 16.05
O SAM EA . -22.92 3.87 15.41
OXT SAM EA . -24.83 2.98 15.44
CB SAM EA . -22.18 2.59 17.84
CG SAM EA . -21.17 3.66 17.48
SD SAM EA . -19.54 3.38 18.22
CE SAM EA . -18.93 2.00 17.22
C5' SAM EA . -19.91 2.53 19.76
C4' SAM EA . -20.50 3.41 20.85
O4' SAM EA . -20.42 2.71 22.08
C3' SAM EA . -19.79 4.74 21.07
O3' SAM EA . -20.74 5.77 20.93
C2' SAM EA . -19.29 4.71 22.51
O2' SAM EA . -19.56 5.93 23.16
C1' SAM EA . -20.12 3.60 23.13
N9 SAM EA . -19.41 2.88 24.20
C8 SAM EA . -18.10 2.50 24.21
N7 SAM EA . -17.87 1.84 25.38
C5 SAM EA . -19.02 1.81 26.10
C6 SAM EA . -19.34 1.27 27.33
N6 SAM EA . -18.40 0.65 28.05
N1 SAM EA . -20.64 1.40 27.83
C2 SAM EA . -21.59 2.04 27.07
N3 SAM EA . -21.27 2.57 25.84
C4 SAM EA . -20.00 2.46 25.35
C1 EDO FA . -8.18 -9.02 28.11
O1 EDO FA . -7.53 -8.59 26.91
C2 EDO FA . -9.61 -8.47 28.11
O2 EDO FA . -10.21 -8.77 26.85
C1 EDO GA . -10.05 -7.67 -22.05
O1 EDO GA . -8.81 -8.09 -22.65
C2 EDO GA . -10.59 -6.47 -22.81
O2 EDO GA . -10.60 -6.72 -24.22
C1 EDO HA . -3.22 13.12 12.30
O1 EDO HA . -2.03 12.36 12.51
C2 EDO HA . -3.05 14.47 12.99
O2 EDO HA . -2.85 14.27 14.40
C1 EDO IA . -2.86 -11.86 -18.10
O1 EDO IA . -1.98 -10.75 -18.30
C2 EDO IA . -3.07 -12.00 -16.60
O2 EDO IA . -3.55 -10.74 -16.12
C1 EDO JA . 4.40 9.85 9.67
O1 EDO JA . 4.87 9.26 8.44
C2 EDO JA . 3.08 9.18 10.09
O2 EDO JA . 3.29 7.77 10.23
C1 EDO KA . -22.29 -17.27 5.95
O1 EDO KA . -22.10 -16.12 6.79
C2 EDO KA . -23.66 -17.17 5.27
O2 EDO KA . -23.71 -15.95 4.51
C1 GOL LA . -9.45 18.49 -11.77
O1 GOL LA . -9.63 17.11 -11.90
C2 GOL LA . -10.81 19.19 -12.05
O2 GOL LA . -11.90 18.48 -11.55
C3 GOL LA . -10.68 20.58 -11.36
O3 GOL LA . -9.47 21.14 -11.79
C1 EDO MA . -40.38 -0.32 10.31
O1 EDO MA . -39.37 0.67 10.17
C2 EDO MA . -41.74 0.18 9.82
O2 EDO MA . -41.73 0.31 8.40
C1 EDO NA . -38.54 -13.46 12.98
O1 EDO NA . -39.11 -13.98 11.77
C2 EDO NA . -37.35 -12.56 12.67
O2 EDO NA . -37.80 -11.36 11.99
C1 EDO OA . -12.52 24.40 -8.70
O1 EDO OA . -13.63 24.00 -9.52
C2 EDO OA . -12.93 24.35 -7.24
O2 EDO OA . -13.64 23.12 -7.03
C1 EDO PA . 4.71 -7.32 24.04
O1 EDO PA . 4.13 -8.17 25.03
C2 EDO PA . 5.07 -5.98 24.68
O2 EDO PA . 5.65 -5.12 23.70
C1 EDO QA . -10.39 -11.04 -14.20
O1 EDO QA . -9.13 -11.74 -14.14
C2 EDO QA . -10.39 -10.19 -15.45
O2 EDO QA . -11.60 -9.43 -15.51
C1 EDO RA . 8.00 -2.54 12.59
O1 EDO RA . 7.97 -3.72 13.42
C2 EDO RA . 8.84 -2.81 11.34
O2 EDO RA . 9.03 -1.60 10.58
C1 EDO SA . -9.64 -2.32 22.03
O1 EDO SA . -8.81 -2.02 23.17
C2 EDO SA . -11.09 -2.55 22.46
O2 EDO SA . -11.99 -1.99 21.49
C1 EDO TA . -11.39 0.53 25.95
O1 EDO TA . -11.29 1.59 26.92
C2 EDO TA . -11.38 1.11 24.55
O2 EDO TA . -12.40 2.12 24.49
S SO4 UA . -1.23 14.07 20.38
O1 SO4 UA . -0.19 14.28 19.40
O2 SO4 UA . -1.87 15.33 20.69
O3 SO4 UA . -0.63 13.47 21.56
O4 SO4 UA . -2.28 13.17 19.87
S SO4 VA . 1.13 16.99 10.45
O1 SO4 VA . 0.35 17.01 9.19
O2 SO4 VA . 1.67 18.32 10.74
O3 SO4 VA . 0.28 16.54 11.53
O4 SO4 VA . 2.25 16.07 10.34
#